data_1O9T
#
_entry.id   1O9T
#
_cell.length_a   114.990
_cell.length_b   114.990
_cell.length_c   160.340
_cell.angle_alpha   90.00
_cell.angle_beta   90.00
_cell.angle_gamma   90.00
#
_symmetry.space_group_name_H-M   'P 41 2 2'
#
loop_
_entity.id
_entity.type
_entity.pdbx_description
1 polymer 'S-ADENOSYLMETHIONINE SYNTHETASE'
2 non-polymer METHIONINE
3 non-polymer 'PHOSPHATE ION'
4 non-polymer 'MAGNESIUM ION'
5 non-polymer 'POTASSIUM ION'
6 non-polymer "ADENOSINE-5'-TRIPHOSPHATE"
7 water water
#
_entity_poly.entity_id   1
_entity_poly.type   'polypeptide(L)'
_entity_poly.pdbx_seq_one_letter_code
;MNGPVDGLCDHSLSEEGAFMFTSESVGEGHPDKICDQISDAVLDAHLKQDPNAKVACETVCKTGMVLLCGEITSMAMIDY
QRVVRDTIKHIGYDDSAKGFDFKTCNVLVALEQQSPDIAQCVHLDRNEEDVGAGDQGLMFGYATDETEECMPLTIVLAHK
LNTRMADLRRSGVLPWLRPDSKTQVTVQYVQDNGAVIPVRVHTIVISVQHNEDITLEAMREALKEQVIKAVVPAKYLDED
TIYHLQPSGRFVIGGPQGDAGVTGRKIIVDTYGGWGAHGGGAFSGKDYTKVDRSAAYAARWVAKSLVKAGLCRRVLVQVS
YAIGVAEPLSISIFTYGTSKKTERELLEVVNKNFDLRPGVIVRDLDLKKPIYQKTACYGHFGRSEFPWEVPKKLVF
;
_entity_poly.pdbx_strand_id   A,B
#
# COMPACT_ATOMS: atom_id res chain seq x y z
N GLY A 17 10.38 13.39 -23.38
CA GLY A 17 10.49 11.89 -23.33
C GLY A 17 9.16 11.22 -22.88
N ALA A 18 8.11 11.67 -23.53
CA ALA A 18 6.69 11.28 -23.28
C ALA A 18 6.48 9.91 -22.59
N PHE A 19 5.41 9.94 -21.80
CA PHE A 19 4.86 8.83 -21.00
C PHE A 19 3.60 9.37 -20.35
N MET A 20 2.72 8.50 -19.86
CA MET A 20 1.53 8.98 -19.19
C MET A 20 1.43 8.38 -17.79
N PHE A 21 0.65 9.02 -16.92
CA PHE A 21 0.53 8.54 -15.55
C PHE A 21 -0.88 8.76 -15.03
N THR A 22 -1.29 7.90 -14.12
CA THR A 22 -2.62 7.98 -13.52
C THR A 22 -2.52 7.86 -12.01
N SER A 23 -3.41 8.57 -11.33
CA SER A 23 -3.47 8.57 -9.87
C SER A 23 -4.91 8.65 -9.43
N GLU A 24 -5.19 8.23 -8.21
CA GLU A 24 -6.54 8.26 -7.71
C GLU A 24 -6.66 8.80 -6.30
N SER A 25 -7.90 9.01 -5.89
CA SER A 25 -8.22 9.54 -4.58
C SER A 25 -9.67 9.21 -4.27
N VAL A 26 -9.99 9.19 -2.99
CA VAL A 26 -11.35 8.87 -2.55
C VAL A 26 -11.88 9.92 -1.59
N GLY A 27 -13.20 10.05 -1.56
CA GLY A 27 -13.84 11.02 -0.69
C GLY A 27 -13.88 10.59 0.76
N GLU A 28 -14.35 11.49 1.60
CA GLU A 28 -14.45 11.24 3.04
C GLU A 28 -15.44 10.13 3.35
N GLY A 29 -16.28 9.79 2.37
CA GLY A 29 -17.27 8.75 2.58
C GLY A 29 -16.80 7.35 2.23
N HIS A 30 -15.64 7.25 1.58
CA HIS A 30 -15.14 5.94 1.19
C HIS A 30 -14.91 5.13 2.47
N PRO A 31 -15.45 3.90 2.51
CA PRO A 31 -15.34 2.99 3.65
C PRO A 31 -13.97 3.00 4.31
N ASP A 32 -12.91 2.85 3.51
CA ASP A 32 -11.56 2.84 4.03
C ASP A 32 -11.19 4.18 4.65
N LYS A 33 -11.56 5.27 3.98
CA LYS A 33 -11.25 6.61 4.48
C LYS A 33 -12.04 6.99 5.73
N ILE A 34 -13.19 6.36 5.94
CA ILE A 34 -13.98 6.64 7.11
C ILE A 34 -13.25 6.08 8.32
N CYS A 35 -12.67 4.89 8.14
CA CYS A 35 -11.91 4.22 9.18
C CYS A 35 -10.62 4.97 9.46
N ASP A 36 -10.00 5.51 8.42
CA ASP A 36 -8.76 6.26 8.58
C ASP A 36 -9.04 7.50 9.42
N GLN A 37 -10.16 8.14 9.15
CA GLN A 37 -10.57 9.35 9.88
C GLN A 37 -10.97 9.06 11.31
N ILE A 38 -11.82 8.05 11.49
CA ILE A 38 -12.27 7.67 12.83
C ILE A 38 -11.08 7.33 13.72
N SER A 39 -10.14 6.57 13.16
CA SER A 39 -8.94 6.17 13.88
C SER A 39 -8.11 7.37 14.29
N ASP A 40 -7.97 8.33 13.39
CA ASP A 40 -7.22 9.54 13.68
C ASP A 40 -8.02 10.47 14.59
N ALA A 41 -9.35 10.35 14.55
CA ALA A 41 -10.20 11.17 15.39
C ALA A 41 -9.99 10.76 16.84
N VAL A 42 -9.81 9.46 17.04
CA VAL A 42 -9.57 8.92 18.37
C VAL A 42 -8.18 9.34 18.84
N LEU A 43 -7.26 9.52 17.88
CA LEU A 43 -5.90 9.94 18.18
C LEU A 43 -5.92 11.40 18.63
N ASP A 44 -6.69 12.21 17.91
CA ASP A 44 -6.82 13.63 18.24
C ASP A 44 -7.45 13.79 19.61
N ALA A 45 -8.53 13.06 19.84
CA ALA A 45 -9.26 13.11 21.10
C ALA A 45 -8.38 12.80 22.31
N HIS A 46 -7.28 12.09 22.09
CA HIS A 46 -6.37 11.75 23.19
C HIS A 46 -5.29 12.80 23.36
N LEU A 47 -4.74 13.26 22.24
CA LEU A 47 -3.68 14.28 22.26
C LEU A 47 -4.12 15.57 22.93
N LYS A 48 -5.40 15.90 22.79
CA LYS A 48 -5.94 17.12 23.39
C LYS A 48 -5.90 17.13 24.92
N GLN A 49 -5.94 15.94 25.52
CA GLN A 49 -5.92 15.82 26.97
C GLN A 49 -4.65 15.19 27.51
N ASP A 50 -3.84 14.63 26.61
CA ASP A 50 -2.60 13.98 26.98
C ASP A 50 -1.74 13.85 25.73
N PRO A 51 -0.92 14.88 25.45
CA PRO A 51 -0.02 14.95 24.30
C PRO A 51 1.00 13.82 24.25
N ASN A 52 1.04 13.01 25.30
CA ASN A 52 1.97 11.89 25.34
C ASN A 52 1.24 10.58 25.27
N ALA A 53 -0.06 10.65 24.94
CA ALA A 53 -0.88 9.47 24.82
C ALA A 53 -0.34 8.53 23.76
N LYS A 54 -0.23 7.25 24.10
CA LYS A 54 0.25 6.26 23.16
C LYS A 54 -0.97 5.65 22.47
N VAL A 55 -1.13 6.00 21.19
CA VAL A 55 -2.26 5.52 20.40
C VAL A 55 -1.86 4.57 19.30
N ALA A 56 -2.58 3.45 19.25
CA ALA A 56 -2.38 2.40 18.28
C ALA A 56 -3.75 1.76 18.11
N CYS A 57 -4.57 2.34 17.25
CA CYS A 57 -5.91 1.81 17.03
C CYS A 57 -6.27 1.81 15.55
N GLU A 58 -7.29 1.04 15.21
CA GLU A 58 -7.76 0.93 13.84
C GLU A 58 -9.27 0.70 13.86
N THR A 59 -9.91 0.99 12.74
CA THR A 59 -11.36 0.85 12.63
C THR A 59 -11.78 -0.01 11.44
N VAL A 60 -12.94 -0.64 11.59
CA VAL A 60 -13.52 -1.50 10.56
C VAL A 60 -15.00 -1.12 10.49
N CYS A 61 -15.54 -0.96 9.30
CA CYS A 61 -16.94 -0.59 9.17
C CYS A 61 -17.63 -1.39 8.09
N LYS A 62 -18.94 -1.56 8.24
CA LYS A 62 -19.73 -2.31 7.27
C LYS A 62 -21.22 -2.06 7.48
N THR A 63 -21.79 -1.18 6.65
CA THR A 63 -23.22 -0.81 6.71
C THR A 63 -23.77 -0.58 8.11
N GLY A 64 -23.64 0.64 8.63
CA GLY A 64 -24.17 0.93 9.95
C GLY A 64 -23.61 0.04 11.04
N MET A 65 -22.31 -0.24 10.95
CA MET A 65 -21.63 -1.07 11.93
C MET A 65 -20.16 -0.67 11.92
N VAL A 66 -19.73 -0.06 13.01
CA VAL A 66 -18.36 0.40 13.16
C VAL A 66 -17.70 -0.32 14.33
N LEU A 67 -16.53 -0.89 14.06
CA LEU A 67 -15.79 -1.61 15.08
C LEU A 67 -14.48 -0.88 15.36
N LEU A 68 -14.32 -0.45 16.61
CA LEU A 68 -13.13 0.25 17.03
C LEU A 68 -12.24 -0.72 17.79
N CYS A 69 -11.07 -1.01 17.24
CA CYS A 69 -10.12 -1.92 17.87
C CYS A 69 -8.87 -1.15 18.22
N GLY A 70 -8.02 -1.70 19.07
CA GLY A 70 -6.81 -1.00 19.42
C GLY A 70 -6.31 -1.06 20.84
N GLU A 71 -5.05 -0.68 21.00
CA GLU A 71 -4.37 -0.64 22.28
C GLU A 71 -3.84 0.76 22.46
N ILE A 72 -4.43 1.50 23.40
CA ILE A 72 -3.97 2.87 23.65
C ILE A 72 -3.71 3.16 25.10
N THR A 73 -2.45 3.45 25.40
CA THR A 73 -2.01 3.78 26.73
C THR A 73 -2.07 5.30 26.85
N SER A 74 -3.10 5.79 27.54
CA SER A 74 -3.27 7.22 27.73
C SER A 74 -3.89 7.53 29.08
N MET A 75 -3.95 8.82 29.41
CA MET A 75 -4.53 9.27 30.66
C MET A 75 -5.45 10.44 30.35
N ALA A 76 -6.52 10.12 29.64
CA ALA A 76 -7.52 11.10 29.26
C ALA A 76 -8.87 10.40 29.20
N MET A 77 -9.92 11.13 29.53
CA MET A 77 -11.26 10.55 29.51
C MET A 77 -11.95 10.85 28.18
N ILE A 78 -12.13 9.80 27.37
CA ILE A 78 -12.75 9.94 26.06
C ILE A 78 -14.02 9.11 25.89
N ASP A 79 -15.00 9.72 25.24
CA ASP A 79 -16.27 9.07 24.95
C ASP A 79 -16.15 8.59 23.52
N TYR A 80 -15.70 7.35 23.35
CA TYR A 80 -15.53 6.76 22.03
C TYR A 80 -16.79 6.77 21.17
N GLN A 81 -17.95 6.66 21.80
CA GLN A 81 -19.19 6.68 21.07
C GLN A 81 -19.32 8.05 20.42
N ARG A 82 -18.97 9.07 21.19
CA ARG A 82 -19.04 10.46 20.74
C ARG A 82 -18.04 10.77 19.63
N VAL A 83 -16.78 10.33 19.80
CA VAL A 83 -15.77 10.60 18.78
C VAL A 83 -15.99 9.84 17.48
N VAL A 84 -16.65 8.69 17.56
CA VAL A 84 -16.91 7.91 16.37
C VAL A 84 -18.12 8.46 15.64
N ARG A 85 -19.19 8.72 16.39
CA ARG A 85 -20.42 9.25 15.81
C ARG A 85 -20.23 10.67 15.29
N ASP A 86 -19.44 11.47 15.97
CA ASP A 86 -19.19 12.84 15.53
C ASP A 86 -18.44 12.84 14.21
N THR A 87 -17.52 11.89 14.07
CA THR A 87 -16.73 11.77 12.86
C THR A 87 -17.59 11.35 11.67
N ILE A 88 -18.55 10.47 11.93
CA ILE A 88 -19.44 9.99 10.88
C ILE A 88 -20.37 11.13 10.48
N LYS A 89 -20.73 11.96 11.45
CA LYS A 89 -21.60 13.11 11.21
C LYS A 89 -20.88 14.12 10.33
N HIS A 90 -19.64 14.41 10.70
CA HIS A 90 -18.79 15.36 9.97
C HIS A 90 -18.68 14.95 8.52
N ILE A 91 -18.53 13.66 8.28
CA ILE A 91 -18.41 13.13 6.93
C ILE A 91 -19.67 13.39 6.12
N GLY A 92 -20.81 13.50 6.78
CA GLY A 92 -22.05 13.74 6.07
C GLY A 92 -23.06 12.62 6.15
N TYR A 93 -22.84 11.67 7.06
CA TYR A 93 -23.76 10.56 7.23
C TYR A 93 -24.71 10.82 8.38
N ASP A 94 -25.84 11.45 8.05
CA ASP A 94 -26.87 11.78 9.03
C ASP A 94 -28.22 11.16 8.72
N ASP A 95 -28.45 10.86 7.45
CA ASP A 95 -29.70 10.24 7.04
C ASP A 95 -29.52 8.75 6.80
N SER A 96 -30.64 8.04 6.80
CA SER A 96 -30.67 6.59 6.61
C SER A 96 -30.19 6.09 5.23
N ALA A 97 -30.91 6.48 4.18
CA ALA A 97 -30.60 6.06 2.81
C ALA A 97 -29.17 6.26 2.32
N LYS A 98 -28.41 7.11 3.01
CA LYS A 98 -27.02 7.38 2.60
C LYS A 98 -26.06 6.21 2.86
N GLY A 99 -26.55 5.19 3.57
CA GLY A 99 -25.71 4.05 3.88
C GLY A 99 -25.02 4.15 5.22
N PHE A 100 -25.40 5.17 6.00
CA PHE A 100 -24.83 5.39 7.32
C PHE A 100 -25.54 6.55 8.02
N ASP A 101 -25.82 6.39 9.30
CA ASP A 101 -26.48 7.42 10.10
C ASP A 101 -25.82 7.37 11.47
N PHE A 102 -25.06 8.41 11.80
CA PHE A 102 -24.36 8.46 13.08
C PHE A 102 -25.24 8.28 14.29
N LYS A 103 -26.54 8.52 14.14
CA LYS A 103 -27.46 8.38 15.26
C LYS A 103 -27.95 6.95 15.44
N THR A 104 -27.91 6.18 14.37
CA THR A 104 -28.40 4.80 14.40
C THR A 104 -27.39 3.67 14.20
N CYS A 105 -26.23 3.98 13.63
CA CYS A 105 -25.24 2.95 13.38
C CYS A 105 -24.68 2.31 14.65
N ASN A 106 -24.27 1.06 14.52
CA ASN A 106 -23.71 0.28 15.61
C ASN A 106 -22.23 0.57 15.79
N VAL A 107 -21.88 1.10 16.95
CA VAL A 107 -20.50 1.42 17.25
C VAL A 107 -19.99 0.47 18.32
N LEU A 108 -19.39 -0.64 17.87
CA LEU A 108 -18.86 -1.64 18.78
C LEU A 108 -17.41 -1.29 19.13
N VAL A 109 -17.19 -0.89 20.38
CA VAL A 109 -15.86 -0.52 20.84
C VAL A 109 -15.16 -1.65 21.59
N ALA A 110 -14.12 -2.22 20.97
CA ALA A 110 -13.35 -3.29 21.56
C ALA A 110 -11.94 -2.79 21.90
N LEU A 111 -11.90 -1.52 22.21
CA LEU A 111 -10.68 -0.77 22.54
C LEU A 111 -10.22 -1.06 23.96
N GLU A 112 -8.90 -1.25 24.12
CA GLU A 112 -8.27 -1.53 25.42
C GLU A 112 -7.49 -0.28 25.81
N GLN A 113 -7.83 0.35 26.93
CA GLN A 113 -7.11 1.57 27.33
C GLN A 113 -6.46 1.49 28.71
N GLN A 114 -5.13 1.61 28.77
CA GLN A 114 -4.40 1.60 30.04
C GLN A 114 -4.43 2.99 30.67
N SER A 115 -3.41 3.31 31.46
CA SER A 115 -3.35 4.62 32.11
C SER A 115 -1.96 5.29 32.22
N PRO A 116 -0.92 4.55 32.65
CA PRO A 116 0.43 5.13 32.77
C PRO A 116 1.30 4.90 31.51
N GLU A 129 14.68 13.85 23.22
CA GLU A 129 15.30 14.39 21.98
C GLU A 129 16.12 13.30 21.30
N ASP A 130 16.85 12.53 22.08
CA ASP A 130 17.69 11.47 21.55
C ASP A 130 17.11 10.11 21.92
N VAL A 131 15.78 9.99 21.82
CA VAL A 131 15.06 8.76 22.15
C VAL A 131 15.62 7.49 21.53
N GLY A 132 15.36 7.29 20.24
CA GLY A 132 15.84 6.08 19.58
C GLY A 132 14.72 5.47 18.78
N ALA A 133 14.92 5.40 17.47
CA ALA A 133 13.93 4.86 16.54
C ALA A 133 13.43 3.43 16.80
N GLY A 134 12.11 3.29 16.92
CA GLY A 134 11.49 1.97 17.10
C GLY A 134 11.40 1.28 15.75
N ASP A 135 11.71 -0.01 15.70
CA ASP A 135 11.60 -0.86 14.54
C ASP A 135 12.52 -0.41 13.40
N GLN A 136 13.46 -1.27 12.99
CA GLN A 136 14.14 -1.08 11.72
C GLN A 136 13.18 -0.46 10.70
N GLY A 137 13.62 0.57 9.99
CA GLY A 137 12.74 1.18 9.03
C GLY A 137 13.45 1.86 7.89
N LEU A 138 12.66 2.19 6.87
CA LEU A 138 13.15 2.86 5.67
C LEU A 138 12.01 3.73 5.15
N MET A 139 12.09 5.02 5.41
CA MET A 139 11.07 5.97 4.96
C MET A 139 11.50 6.70 3.70
N PHE A 140 10.53 7.02 2.87
CA PHE A 140 10.77 7.73 1.61
C PHE A 140 10.16 9.12 1.61
N GLY A 141 10.74 10.00 0.81
CA GLY A 141 10.25 11.36 0.69
C GLY A 141 10.30 11.75 -0.76
N TYR A 142 9.31 12.50 -1.23
CA TYR A 142 9.28 12.89 -2.63
C TYR A 142 8.72 14.28 -2.85
N ALA A 143 9.23 14.93 -3.89
CA ALA A 143 8.82 16.29 -4.23
C ALA A 143 9.23 16.62 -5.65
N THR A 144 8.37 17.36 -6.35
CA THR A 144 8.62 17.76 -7.73
C THR A 144 8.06 19.16 -7.93
N ASP A 145 8.71 19.96 -8.78
CA ASP A 145 8.25 21.33 -9.02
C ASP A 145 7.14 21.53 -10.06
N GLU A 146 6.48 20.45 -10.47
CA GLU A 146 5.41 20.56 -11.47
C GLU A 146 4.18 21.29 -10.98
N THR A 147 4.09 21.51 -9.67
CA THR A 147 2.96 22.21 -9.07
C THR A 147 3.51 22.99 -7.87
N GLU A 148 2.77 24.01 -7.44
CA GLU A 148 3.22 24.81 -6.29
C GLU A 148 3.27 24.00 -5.00
N GLU A 149 2.49 22.93 -4.93
CA GLU A 149 2.46 22.08 -3.75
C GLU A 149 3.69 21.18 -3.67
N CYS A 150 4.41 21.05 -4.77
CA CYS A 150 5.60 20.19 -4.86
C CYS A 150 5.18 18.73 -4.82
N MET A 151 4.04 18.46 -5.44
CA MET A 151 3.45 17.12 -5.53
C MET A 151 3.02 16.85 -6.97
N PRO A 152 2.98 15.56 -7.38
CA PRO A 152 2.58 15.18 -8.73
C PRO A 152 1.24 15.79 -9.12
N LEU A 153 1.16 16.34 -10.32
CA LEU A 153 -0.08 16.97 -10.78
C LEU A 153 -1.25 16.01 -10.74
N THR A 154 -0.98 14.78 -11.17
CA THR A 154 -1.98 13.74 -11.22
C THR A 154 -2.69 13.49 -9.88
N ILE A 155 -1.91 13.39 -8.81
CA ILE A 155 -2.49 13.14 -7.48
C ILE A 155 -3.08 14.42 -6.87
N VAL A 156 -2.47 15.56 -7.17
CA VAL A 156 -2.95 16.83 -6.66
C VAL A 156 -4.35 17.11 -7.18
N LEU A 157 -4.53 16.94 -8.48
CA LEU A 157 -5.82 17.15 -9.13
C LEU A 157 -6.84 16.15 -8.60
N ALA A 158 -6.39 14.91 -8.42
CA ALA A 158 -7.25 13.85 -7.93
C ALA A 158 -7.81 14.20 -6.55
N HIS A 159 -6.96 14.77 -5.70
CA HIS A 159 -7.37 15.18 -4.36
C HIS A 159 -8.28 16.39 -4.41
N LYS A 160 -7.84 17.42 -5.12
CA LYS A 160 -8.61 18.65 -5.27
C LYS A 160 -9.99 18.42 -5.86
N LEU A 161 -10.10 17.41 -6.73
CA LEU A 161 -11.36 17.10 -7.37
C LEU A 161 -12.36 16.64 -6.31
N ASN A 162 -11.90 15.80 -5.38
CA ASN A 162 -12.75 15.31 -4.29
C ASN A 162 -13.01 16.43 -3.30
N THR A 163 -12.00 17.25 -3.04
CA THR A 163 -12.14 18.36 -2.09
C THR A 163 -13.25 19.31 -2.52
N ARG A 164 -13.24 19.67 -3.80
CA ARG A 164 -14.24 20.57 -4.35
C ARG A 164 -15.66 20.03 -4.20
N MET A 165 -15.81 18.73 -4.39
CA MET A 165 -17.13 18.10 -4.27
C MET A 165 -17.67 18.20 -2.85
N ALA A 166 -16.77 18.12 -1.89
CA ALA A 166 -17.15 18.22 -0.48
C ALA A 166 -17.58 19.65 -0.18
N ASP A 167 -16.92 20.60 -0.81
CA ASP A 167 -17.24 22.02 -0.62
C ASP A 167 -18.64 22.28 -1.13
N LEU A 168 -18.89 21.90 -2.39
CA LEU A 168 -20.21 22.08 -3.00
C LEU A 168 -21.28 21.34 -2.23
N ARG A 169 -20.88 20.26 -1.56
CA ARG A 169 -21.80 19.44 -0.77
C ARG A 169 -22.17 20.20 0.49
N ARG A 170 -21.14 20.68 1.20
CA ARG A 170 -21.33 21.41 2.46
C ARG A 170 -21.82 22.85 2.31
N SER A 171 -21.60 23.44 1.14
CA SER A 171 -22.05 24.81 0.90
C SER A 171 -23.53 24.79 0.57
N GLY A 172 -23.92 23.85 -0.30
CA GLY A 172 -25.31 23.73 -0.69
C GLY A 172 -25.45 23.81 -2.20
N VAL A 173 -24.40 24.26 -2.87
CA VAL A 173 -24.38 24.42 -4.32
C VAL A 173 -24.84 23.17 -5.06
N LEU A 174 -24.36 22.01 -4.62
CA LEU A 174 -24.74 20.73 -5.20
C LEU A 174 -25.25 19.87 -4.05
N PRO A 175 -26.52 20.07 -3.63
CA PRO A 175 -27.18 19.34 -2.54
C PRO A 175 -27.49 17.87 -2.78
N TRP A 176 -27.22 17.37 -3.98
CA TRP A 176 -27.48 15.97 -4.30
C TRP A 176 -26.25 15.14 -4.06
N LEU A 177 -25.13 15.83 -3.91
CA LEU A 177 -23.83 15.21 -3.67
C LEU A 177 -23.78 14.53 -2.29
N ARG A 178 -23.30 13.29 -2.28
CA ARG A 178 -23.15 12.52 -1.04
C ARG A 178 -21.67 12.24 -0.74
N PRO A 179 -21.35 11.92 0.53
CA PRO A 179 -19.98 11.69 1.01
C PRO A 179 -19.00 10.78 0.25
N ASP A 180 -19.44 9.60 -0.16
CA ASP A 180 -18.57 8.66 -0.87
C ASP A 180 -18.31 9.02 -2.33
N SER A 181 -17.04 9.07 -2.68
CA SER A 181 -16.60 9.38 -4.04
C SER A 181 -15.24 8.78 -4.34
N LYS A 182 -14.91 8.70 -5.63
CA LYS A 182 -13.63 8.17 -6.09
C LYS A 182 -13.21 9.01 -7.28
N THR A 183 -11.93 9.31 -7.36
CA THR A 183 -11.41 10.13 -8.45
C THR A 183 -10.14 9.56 -9.03
N GLN A 184 -9.99 9.69 -10.34
CA GLN A 184 -8.80 9.23 -11.06
C GLN A 184 -8.47 10.24 -12.10
N VAL A 185 -7.21 10.64 -12.13
CA VAL A 185 -6.73 11.62 -13.09
C VAL A 185 -5.50 11.08 -13.79
N THR A 186 -5.54 11.04 -15.11
CA THR A 186 -4.41 10.57 -15.90
C THR A 186 -3.92 11.71 -16.77
N VAL A 187 -2.66 12.10 -16.55
CA VAL A 187 -2.04 13.20 -17.27
C VAL A 187 -0.89 12.73 -18.16
N GLN A 188 -0.78 13.33 -19.34
CA GLN A 188 0.29 13.01 -20.28
C GLN A 188 1.50 13.86 -19.96
N TYR A 189 2.65 13.21 -19.79
CA TYR A 189 3.87 13.92 -19.46
C TYR A 189 4.93 13.93 -20.55
N VAL A 190 6.08 14.51 -20.19
CA VAL A 190 7.24 14.66 -21.05
C VAL A 190 8.41 15.06 -20.15
N GLN A 191 9.52 14.33 -20.23
CA GLN A 191 10.71 14.63 -19.43
C GLN A 191 11.35 15.93 -19.90
N ASP A 192 12.41 16.35 -19.23
CA ASP A 192 13.10 17.59 -19.58
C ASP A 192 14.48 17.67 -18.94
N ASN A 193 15.48 17.13 -19.64
CA ASN A 193 16.88 17.11 -19.20
C ASN A 193 17.00 17.22 -17.69
N GLY A 194 16.20 16.40 -17.03
CA GLY A 194 16.17 16.40 -15.60
C GLY A 194 14.92 15.59 -15.22
N ALA A 195 13.72 16.18 -15.37
CA ALA A 195 12.51 15.37 -15.09
C ALA A 195 11.15 16.11 -14.95
N VAL A 196 10.21 15.24 -15.32
CA VAL A 196 8.72 15.33 -15.27
C VAL A 196 8.09 16.73 -15.39
N ILE A 197 7.49 16.94 -16.56
CA ILE A 197 6.73 18.17 -16.90
C ILE A 197 5.36 17.77 -17.48
N PRO A 198 4.26 18.07 -16.77
CA PRO A 198 2.92 17.72 -17.24
C PRO A 198 2.53 18.51 -18.49
N VAL A 199 1.86 17.85 -19.42
CA VAL A 199 1.45 18.50 -20.66
C VAL A 199 -0.06 18.78 -20.75
N ARG A 200 -0.87 17.78 -20.43
CA ARG A 200 -2.32 17.92 -20.48
C ARG A 200 -3.01 16.77 -19.79
N VAL A 201 -4.26 16.98 -19.38
CA VAL A 201 -5.05 15.95 -18.72
C VAL A 201 -5.65 15.07 -19.81
N HIS A 202 -5.16 13.84 -19.92
CA HIS A 202 -5.65 12.92 -20.92
C HIS A 202 -7.09 12.51 -20.68
N THR A 203 -7.37 12.04 -19.46
CA THR A 203 -8.71 11.63 -19.08
C THR A 203 -8.96 11.75 -17.58
N ILE A 204 -10.22 11.97 -17.23
CA ILE A 204 -10.64 12.12 -15.85
C ILE A 204 -11.85 11.23 -15.56
N VAL A 205 -11.74 10.45 -14.50
CA VAL A 205 -12.83 9.56 -14.10
C VAL A 205 -13.22 9.93 -12.69
N ILE A 206 -14.50 10.21 -12.51
CA ILE A 206 -14.99 10.59 -11.20
C ILE A 206 -16.35 9.96 -10.94
N SER A 207 -16.46 9.37 -9.76
CA SER A 207 -17.69 8.71 -9.32
C SER A 207 -18.03 9.24 -7.95
N VAL A 208 -19.28 9.64 -7.77
CA VAL A 208 -19.70 10.19 -6.50
C VAL A 208 -21.09 9.71 -6.11
N GLN A 209 -21.28 9.44 -4.83
CA GLN A 209 -22.56 8.99 -4.31
C GLN A 209 -23.56 10.14 -4.51
N HIS A 210 -24.85 9.83 -4.52
CA HIS A 210 -25.84 10.88 -4.73
C HIS A 210 -27.25 10.55 -4.26
N ASN A 211 -28.09 11.59 -4.23
CA ASN A 211 -29.49 11.48 -3.84
C ASN A 211 -30.28 10.97 -5.04
N GLU A 212 -31.48 10.44 -4.79
CA GLU A 212 -32.32 9.89 -5.86
C GLU A 212 -32.87 10.92 -6.85
N ASP A 213 -33.35 12.04 -6.35
CA ASP A 213 -33.91 13.12 -7.16
C ASP A 213 -32.91 13.98 -7.91
N ILE A 214 -32.18 13.35 -8.83
CA ILE A 214 -31.19 14.04 -9.64
C ILE A 214 -30.80 13.13 -10.81
N THR A 215 -31.02 13.64 -12.02
CA THR A 215 -30.73 12.91 -13.25
C THR A 215 -29.23 12.75 -13.52
N LEU A 216 -28.88 11.63 -14.15
CA LEU A 216 -27.52 11.28 -14.51
C LEU A 216 -26.96 12.32 -15.46
N GLU A 217 -27.83 12.95 -16.26
CA GLU A 217 -27.38 13.97 -17.19
C GLU A 217 -27.00 15.25 -16.45
N ALA A 218 -27.76 15.58 -15.42
CA ALA A 218 -27.48 16.78 -14.63
C ALA A 218 -26.24 16.61 -13.76
N MET A 219 -26.00 15.38 -13.31
CA MET A 219 -24.83 15.11 -12.47
C MET A 219 -23.55 15.26 -13.28
N ARG A 220 -23.51 14.60 -14.42
CA ARG A 220 -22.35 14.64 -15.30
C ARG A 220 -22.03 16.04 -15.79
N GLU A 221 -23.06 16.88 -15.89
CA GLU A 221 -22.88 18.25 -16.34
C GLU A 221 -22.24 19.09 -15.23
N ALA A 222 -22.75 18.92 -14.01
CA ALA A 222 -22.24 19.64 -12.85
C ALA A 222 -20.81 19.23 -12.52
N LEU A 223 -20.49 17.96 -12.76
CA LEU A 223 -19.15 17.44 -12.49
C LEU A 223 -18.12 18.05 -13.42
N LYS A 224 -18.52 18.31 -14.66
CA LYS A 224 -17.61 18.88 -15.65
C LYS A 224 -17.44 20.38 -15.49
N GLU A 225 -18.54 21.11 -15.35
CA GLU A 225 -18.48 22.55 -15.21
C GLU A 225 -18.15 23.05 -13.82
N GLN A 226 -18.88 22.58 -12.82
CA GLN A 226 -18.66 23.04 -11.46
C GLN A 226 -17.54 22.44 -10.63
N VAL A 227 -17.08 21.22 -10.96
CA VAL A 227 -15.99 20.63 -10.19
C VAL A 227 -14.70 20.52 -10.98
N ILE A 228 -14.73 19.84 -12.12
CA ILE A 228 -13.53 19.65 -12.93
C ILE A 228 -12.96 20.96 -13.47
N LYS A 229 -13.77 21.71 -14.20
CA LYS A 229 -13.30 22.98 -14.76
C LYS A 229 -13.05 24.04 -13.71
N ALA A 230 -13.51 23.82 -12.48
CA ALA A 230 -13.31 24.81 -11.42
C ALA A 230 -12.05 24.54 -10.61
N VAL A 231 -11.35 23.46 -10.93
CA VAL A 231 -10.13 23.09 -10.21
C VAL A 231 -8.95 22.82 -11.13
N VAL A 232 -9.23 22.30 -12.33
CA VAL A 232 -8.18 21.98 -13.29
C VAL A 232 -7.76 23.19 -14.14
N PRO A 233 -6.48 23.58 -14.07
CA PRO A 233 -5.93 24.71 -14.81
C PRO A 233 -6.23 24.60 -16.31
N ALA A 234 -6.69 25.71 -16.88
CA ALA A 234 -7.04 25.78 -18.29
C ALA A 234 -5.98 25.18 -19.18
N LYS A 235 -4.72 25.40 -18.82
CA LYS A 235 -3.59 24.90 -19.56
C LYS A 235 -3.66 23.41 -19.83
N TYR A 236 -4.23 22.67 -18.88
CA TYR A 236 -4.32 21.22 -19.01
C TYR A 236 -5.60 20.66 -19.64
N LEU A 237 -6.70 21.38 -19.54
CA LEU A 237 -7.94 20.90 -20.15
C LEU A 237 -7.86 21.03 -21.67
N ASP A 238 -8.33 20.02 -22.36
CA ASP A 238 -8.29 19.96 -23.81
C ASP A 238 -9.65 19.75 -24.47
N GLU A 239 -9.67 19.70 -25.81
CA GLU A 239 -10.89 19.44 -26.57
C GLU A 239 -11.00 17.93 -26.74
N ASP A 240 -9.89 17.25 -26.44
CA ASP A 240 -9.82 15.80 -26.54
C ASP A 240 -9.84 15.12 -25.17
N THR A 241 -9.63 15.91 -24.11
CA THR A 241 -9.63 15.38 -22.74
C THR A 241 -10.86 14.50 -22.57
N ILE A 242 -10.63 13.26 -22.12
CA ILE A 242 -11.72 12.31 -21.93
C ILE A 242 -12.32 12.37 -20.53
N TYR A 243 -13.64 12.45 -20.47
CA TYR A 243 -14.35 12.50 -19.21
C TYR A 243 -15.24 11.27 -19.02
N HIS A 244 -15.14 10.68 -17.84
CA HIS A 244 -15.92 9.52 -17.45
C HIS A 244 -16.53 9.88 -16.11
N LEU A 245 -17.69 10.54 -16.17
CA LEU A 245 -18.39 10.97 -14.97
C LEU A 245 -19.53 10.02 -14.67
N GLN A 246 -19.48 9.37 -13.50
CA GLN A 246 -20.50 8.40 -13.11
C GLN A 246 -20.61 7.35 -14.21
N PRO A 247 -19.50 6.66 -14.52
CA PRO A 247 -19.38 5.62 -15.55
C PRO A 247 -20.32 4.44 -15.33
N SER A 248 -20.37 3.97 -14.10
CA SER A 248 -21.21 2.84 -13.73
C SER A 248 -22.65 3.27 -13.49
N GLY A 249 -23.04 4.41 -14.07
CA GLY A 249 -24.39 4.88 -13.88
C GLY A 249 -24.69 5.44 -12.50
N ARG A 250 -25.64 4.84 -11.80
CA ARG A 250 -26.03 5.33 -10.47
C ARG A 250 -25.16 4.77 -9.34
N PHE A 251 -25.15 5.57 -8.29
CA PHE A 251 -24.40 5.35 -7.04
C PHE A 251 -25.20 6.11 -5.96
N VAL A 252 -26.41 5.63 -5.70
CA VAL A 252 -27.28 6.29 -4.72
C VAL A 252 -27.08 5.85 -3.27
N ILE A 253 -27.65 4.70 -2.93
CA ILE A 253 -27.58 4.16 -1.58
C ILE A 253 -26.25 3.44 -1.36
N GLY A 254 -25.32 3.60 -2.30
CA GLY A 254 -24.02 2.96 -2.18
C GLY A 254 -23.47 3.18 -0.78
N GLY A 255 -23.04 4.41 -0.51
CA GLY A 255 -22.51 4.75 0.80
C GLY A 255 -21.33 3.92 1.25
N PRO A 256 -20.89 4.06 2.51
CA PRO A 256 -19.75 3.28 3.01
C PRO A 256 -20.17 1.86 3.42
N GLN A 257 -20.02 0.97 2.44
CA GLN A 257 -20.38 -0.44 2.57
C GLN A 257 -19.22 -1.18 1.91
N GLY A 258 -19.19 -1.12 0.57
CA GLY A 258 -18.17 -1.75 -0.25
C GLY A 258 -17.66 -3.00 0.41
N ASP A 259 -18.64 -3.76 0.88
CA ASP A 259 -18.43 -5.00 1.59
C ASP A 259 -17.74 -4.91 2.94
N ALA A 260 -16.95 -3.88 3.19
CA ALA A 260 -16.31 -3.55 4.44
C ALA A 260 -15.33 -2.38 4.28
N GLY A 261 -15.18 -1.57 5.32
CA GLY A 261 -14.21 -0.47 5.32
C GLY A 261 -13.10 -0.74 6.33
N VAL A 262 -11.86 -0.42 5.95
CA VAL A 262 -10.70 -0.68 6.79
C VAL A 262 -9.66 0.44 6.88
N THR A 263 -8.93 0.47 7.98
CA THR A 263 -7.89 1.46 8.24
C THR A 263 -6.55 1.02 7.67
N GLY A 264 -5.83 1.96 7.08
CA GLY A 264 -4.53 1.66 6.51
C GLY A 264 -4.55 0.90 5.21
N ARG A 265 -5.69 0.89 4.53
CA ARG A 265 -5.80 0.18 3.27
C ARG A 265 -5.72 1.11 2.07
N LYS A 266 -5.61 2.42 2.32
CA LYS A 266 -5.50 3.39 1.24
C LYS A 266 -4.15 4.09 1.33
N ILE A 267 -3.11 3.27 1.40
CA ILE A 267 -1.72 3.70 1.53
C ILE A 267 -1.12 4.58 0.44
N ILE A 268 -1.49 4.33 -0.81
CA ILE A 268 -0.95 5.12 -1.91
C ILE A 268 -1.65 6.46 -2.15
N VAL A 269 -2.95 6.53 -1.87
CA VAL A 269 -3.67 7.78 -2.05
C VAL A 269 -3.35 8.76 -0.93
N ASP A 270 -2.78 8.25 0.16
CA ASP A 270 -2.40 9.05 1.32
C ASP A 270 -1.02 9.66 1.12
N THR A 271 -0.31 9.19 0.10
CA THR A 271 1.04 9.67 -0.16
C THR A 271 1.26 10.42 -1.47
N TYR A 272 1.91 9.76 -2.42
CA TYR A 272 2.23 10.39 -3.71
C TYR A 272 1.51 9.88 -4.95
N GLY A 273 0.45 9.10 -4.76
CA GLY A 273 -0.30 8.59 -5.91
C GLY A 273 0.51 7.67 -6.80
N GLY A 274 1.46 6.95 -6.20
CA GLY A 274 2.30 6.02 -6.94
C GLY A 274 3.49 6.63 -7.64
N TRP A 275 3.97 7.76 -7.15
CA TRP A 275 5.09 8.42 -7.78
C TRP A 275 6.45 8.29 -7.07
N GLY A 276 6.45 8.28 -5.75
CA GLY A 276 7.71 8.16 -5.06
C GLY A 276 8.06 6.71 -4.88
N ALA A 277 8.04 6.29 -3.62
CA ALA A 277 8.35 4.93 -3.23
C ALA A 277 7.62 4.73 -1.91
N HIS A 278 7.23 3.50 -1.61
CA HIS A 278 6.50 3.26 -0.38
C HIS A 278 6.86 1.92 0.23
N GLY A 279 7.28 1.95 1.50
CA GLY A 279 7.65 0.72 2.19
C GLY A 279 6.47 -0.12 2.64
N GLY A 280 5.29 0.49 2.70
CA GLY A 280 4.10 -0.22 3.12
C GLY A 280 3.52 0.21 4.45
N GLY A 281 4.18 1.12 5.12
CA GLY A 281 3.68 1.60 6.41
C GLY A 281 2.48 2.51 6.34
N ALA A 282 1.48 2.22 7.18
CA ALA A 282 0.24 2.99 7.26
C ALA A 282 0.37 4.10 8.29
N PHE A 283 -0.33 5.22 8.07
CA PHE A 283 -0.28 6.36 8.98
C PHE A 283 -1.37 6.38 10.02
N SER A 284 -2.60 6.52 9.54
CA SER A 284 -3.79 6.61 10.39
C SER A 284 -3.90 5.61 11.52
N GLY A 285 -4.16 6.11 12.73
CA GLY A 285 -4.29 5.26 13.88
C GLY A 285 -3.04 5.10 14.72
N LYS A 286 -1.93 5.63 14.19
CA LYS A 286 -0.65 5.55 14.88
C LYS A 286 -0.21 6.92 15.36
N ASP A 287 0.29 7.00 16.59
CA ASP A 287 0.73 8.28 17.14
C ASP A 287 2.09 8.71 16.58
N TYR A 288 2.56 9.85 17.07
CA TYR A 288 3.83 10.41 16.62
C TYR A 288 5.09 9.62 16.99
N THR A 289 4.99 8.61 17.83
CA THR A 289 6.18 7.83 18.21
C THR A 289 6.55 6.74 17.20
N LYS A 290 5.62 6.45 16.28
CA LYS A 290 5.86 5.45 15.26
C LYS A 290 6.57 6.10 14.08
N VAL A 291 7.80 5.65 13.81
CA VAL A 291 8.58 6.20 12.71
C VAL A 291 7.87 6.12 11.36
N ASP A 292 6.90 5.22 11.23
CA ASP A 292 6.16 5.08 9.97
C ASP A 292 5.47 6.38 9.59
N ARG A 293 5.03 7.12 10.58
CA ARG A 293 4.33 8.38 10.34
C ARG A 293 5.29 9.56 10.40
N SER A 294 5.86 9.80 11.58
CA SER A 294 6.78 10.90 11.81
C SER A 294 7.91 11.03 10.79
N ALA A 295 8.69 9.96 10.64
CA ALA A 295 9.82 9.96 9.71
C ALA A 295 9.40 10.15 8.27
N ALA A 296 8.21 9.67 7.92
CA ALA A 296 7.70 9.80 6.57
C ALA A 296 7.41 11.28 6.33
N TYR A 297 6.86 11.93 7.35
CA TYR A 297 6.55 13.35 7.30
C TYR A 297 7.84 14.14 7.16
N ALA A 298 8.83 13.78 7.97
CA ALA A 298 10.14 14.42 7.96
C ALA A 298 10.80 14.32 6.58
N ALA A 299 10.72 13.14 5.97
CA ALA A 299 11.31 12.90 4.66
C ALA A 299 10.65 13.75 3.58
N ARG A 300 9.36 13.98 3.71
CA ARG A 300 8.61 14.79 2.77
C ARG A 300 9.09 16.24 2.95
N TRP A 301 9.24 16.62 4.21
CA TRP A 301 9.68 17.94 4.61
C TRP A 301 10.98 18.33 3.89
N VAL A 302 12.01 17.51 4.06
CA VAL A 302 13.30 17.79 3.43
C VAL A 302 13.20 17.76 1.91
N ALA A 303 12.35 16.90 1.37
CA ALA A 303 12.21 16.79 -0.07
C ALA A 303 11.65 18.10 -0.60
N LYS A 304 10.57 18.57 0.02
CA LYS A 304 9.92 19.81 -0.36
C LYS A 304 10.87 21.00 -0.19
N SER A 305 11.64 20.98 0.90
CA SER A 305 12.59 22.06 1.20
C SER A 305 13.65 22.15 0.11
N LEU A 306 14.16 20.99 -0.32
CA LEU A 306 15.19 20.93 -1.35
C LEU A 306 14.78 21.57 -2.67
N VAL A 307 13.63 21.17 -3.21
CA VAL A 307 13.16 21.74 -4.46
C VAL A 307 12.81 23.23 -4.30
N LYS A 308 12.23 23.57 -3.16
CA LYS A 308 11.84 24.95 -2.89
C LYS A 308 13.07 25.83 -2.84
N ALA A 309 14.17 25.29 -2.34
CA ALA A 309 15.41 26.01 -2.23
C ALA A 309 16.19 26.03 -3.55
N GLY A 310 15.53 25.59 -4.63
CA GLY A 310 16.17 25.56 -5.94
C GLY A 310 17.26 24.53 -6.15
N LEU A 311 17.54 23.74 -5.12
CA LEU A 311 18.58 22.71 -5.19
C LEU A 311 18.28 21.54 -6.11
N CYS A 312 17.07 21.49 -6.66
CA CYS A 312 16.66 20.41 -7.55
C CYS A 312 15.21 20.58 -7.98
N ARG A 313 14.83 19.95 -9.09
CA ARG A 313 13.46 20.04 -9.59
C ARG A 313 12.60 18.85 -9.22
N ARG A 314 13.24 17.77 -8.74
CA ARG A 314 12.56 16.53 -8.37
C ARG A 314 13.49 15.69 -7.51
N VAL A 315 13.01 15.32 -6.32
CA VAL A 315 13.81 14.53 -5.39
C VAL A 315 13.08 13.38 -4.72
N LEU A 316 13.84 12.34 -4.43
CA LEU A 316 13.35 11.14 -3.77
C LEU A 316 14.33 10.92 -2.63
N VAL A 317 14.06 11.53 -1.49
CA VAL A 317 14.92 11.39 -0.33
C VAL A 317 14.55 10.11 0.41
N GLN A 318 15.57 9.32 0.71
CA GLN A 318 15.40 8.04 1.38
C GLN A 318 16.09 8.05 2.74
N VAL A 319 15.32 7.95 3.81
CA VAL A 319 15.89 7.96 5.15
C VAL A 319 15.70 6.60 5.85
N SER A 320 16.81 5.98 6.24
CA SER A 320 16.79 4.69 6.91
C SER A 320 17.08 4.81 8.40
N TYR A 321 16.42 3.98 9.21
CA TYR A 321 16.63 3.99 10.64
C TYR A 321 17.01 2.59 11.13
N ALA A 322 17.67 2.54 12.28
CA ALA A 322 18.09 1.28 12.90
C ALA A 322 17.43 1.19 14.26
N ILE A 323 16.77 0.07 14.52
CA ILE A 323 16.09 -0.14 15.79
C ILE A 323 17.03 0.11 16.97
N GLY A 324 16.62 1.03 17.84
CA GLY A 324 17.42 1.36 19.00
C GLY A 324 18.18 2.66 18.81
N VAL A 325 18.75 2.85 17.62
CA VAL A 325 19.51 4.04 17.29
C VAL A 325 18.59 5.24 17.00
N ALA A 326 18.98 6.40 17.50
CA ALA A 326 18.22 7.63 17.31
C ALA A 326 18.56 8.30 15.98
N GLU A 327 19.84 8.56 15.76
CA GLU A 327 20.32 9.20 14.54
C GLU A 327 20.08 8.28 13.34
N PRO A 328 19.48 8.80 12.27
CA PRO A 328 19.20 8.02 11.06
C PRO A 328 20.39 7.22 10.54
N LEU A 329 20.13 5.96 10.20
CA LEU A 329 21.14 5.04 9.70
C LEU A 329 21.26 5.13 8.18
N SER A 330 21.75 6.27 7.71
CA SER A 330 21.99 6.52 6.31
C SER A 330 20.77 7.12 5.59
N ILE A 331 21.00 8.32 5.09
CA ILE A 331 19.98 9.03 4.32
C ILE A 331 20.53 9.18 2.91
N SER A 332 19.69 8.89 1.92
CA SER A 332 20.07 8.99 0.53
C SER A 332 19.17 9.98 -0.19
N ILE A 333 19.77 10.84 -0.99
CA ILE A 333 19.02 11.83 -1.75
C ILE A 333 19.03 11.38 -3.20
N PHE A 334 17.86 11.27 -3.81
CA PHE A 334 17.80 10.85 -5.20
C PHE A 334 17.13 11.84 -6.12
N THR A 335 17.99 12.66 -6.69
CA THR A 335 17.61 13.59 -7.74
C THR A 335 17.69 12.81 -9.03
N TYR A 336 16.99 13.26 -10.02
CA TYR A 336 17.01 12.57 -11.31
C TYR A 336 17.79 13.41 -12.31
N GLY A 337 18.94 13.93 -11.88
CA GLY A 337 19.77 14.75 -12.73
C GLY A 337 19.18 16.15 -12.88
N THR A 338 18.38 16.55 -11.91
CA THR A 338 17.73 17.85 -11.91
C THR A 338 18.45 18.85 -10.99
N SER A 339 19.48 18.35 -10.30
CA SER A 339 20.25 19.18 -9.38
C SER A 339 21.62 19.54 -9.95
N LYS A 340 22.09 20.73 -9.64
CA LYS A 340 23.40 21.17 -10.10
C LYS A 340 24.44 20.86 -9.01
N LYS A 341 23.99 20.83 -7.76
CA LYS A 341 24.88 20.56 -6.62
C LYS A 341 25.56 19.19 -6.60
N THR A 342 24.80 18.13 -6.92
CA THR A 342 25.37 16.79 -6.99
C THR A 342 25.21 16.03 -5.67
N GLU A 343 24.43 14.94 -5.72
CA GLU A 343 24.28 14.07 -4.57
C GLU A 343 25.60 13.79 -3.87
N ARG A 344 25.62 14.15 -2.59
CA ARG A 344 26.77 14.11 -1.71
C ARG A 344 27.49 15.47 -1.79
N GLU A 345 26.59 16.42 -1.81
CA GLU A 345 26.80 17.87 -1.74
C GLU A 345 25.50 18.36 -1.12
N LEU A 346 24.45 17.74 -1.65
CA LEU A 346 23.07 17.95 -1.20
C LEU A 346 22.84 17.19 0.10
N LEU A 347 23.57 16.10 0.29
CA LEU A 347 23.44 15.31 1.51
C LEU A 347 24.00 16.12 2.68
N GLU A 348 25.09 16.83 2.44
CA GLU A 348 25.68 17.65 3.49
C GLU A 348 24.77 18.85 3.75
N VAL A 349 24.04 19.27 2.71
CA VAL A 349 23.12 20.39 2.86
C VAL A 349 22.02 19.93 3.80
N VAL A 350 21.60 18.67 3.64
CA VAL A 350 20.56 18.11 4.48
C VAL A 350 21.08 17.85 5.89
N ASN A 351 22.32 17.37 5.98
CA ASN A 351 22.93 17.08 7.27
C ASN A 351 23.30 18.32 8.06
N LYS A 352 23.31 19.48 7.39
CA LYS A 352 23.64 20.73 8.06
C LYS A 352 22.39 21.55 8.35
N ASN A 353 21.27 21.16 7.74
CA ASN A 353 20.01 21.87 7.92
C ASN A 353 18.95 21.03 8.65
N PHE A 354 19.13 19.70 8.66
CA PHE A 354 18.17 18.82 9.32
C PHE A 354 18.71 17.85 10.36
N ASP A 355 17.88 17.60 11.37
CA ASP A 355 18.18 16.67 12.46
C ASP A 355 17.01 15.69 12.50
N LEU A 356 17.05 14.71 11.60
CA LEU A 356 16.00 13.71 11.46
C LEU A 356 15.84 12.67 12.55
N ARG A 357 16.30 12.95 13.77
CA ARG A 357 16.14 11.99 14.86
C ARG A 357 14.67 12.03 15.25
N PRO A 358 14.06 10.87 15.55
CA PRO A 358 12.64 10.78 15.93
C PRO A 358 12.14 11.87 16.86
N GLY A 359 12.76 11.98 18.03
CA GLY A 359 12.35 12.99 18.99
C GLY A 359 12.40 14.41 18.48
N VAL A 360 13.45 14.74 17.74
CA VAL A 360 13.60 16.09 17.21
C VAL A 360 12.53 16.36 16.17
N ILE A 361 12.19 15.33 15.40
CA ILE A 361 11.16 15.44 14.37
C ILE A 361 9.84 15.89 14.97
N VAL A 362 9.38 15.17 16.00
CA VAL A 362 8.13 15.50 16.64
C VAL A 362 8.12 16.89 17.26
N ARG A 363 9.28 17.33 17.74
CA ARG A 363 9.39 18.64 18.36
C ARG A 363 9.35 19.74 17.30
N ASP A 364 10.19 19.58 16.27
CA ASP A 364 10.26 20.55 15.19
C ASP A 364 8.99 20.62 14.36
N LEU A 365 8.35 19.47 14.13
CA LEU A 365 7.13 19.43 13.34
C LEU A 365 5.86 19.57 14.18
N ASP A 366 6.02 19.72 15.50
CA ASP A 366 4.88 19.88 16.40
C ASP A 366 3.91 18.70 16.23
N LEU A 367 4.45 17.48 16.30
CA LEU A 367 3.64 16.28 16.11
C LEU A 367 2.80 15.79 17.27
N LYS A 368 2.69 16.59 18.34
CA LYS A 368 1.88 16.20 19.48
C LYS A 368 0.54 16.92 19.40
N LYS A 369 0.39 17.71 18.34
CA LYS A 369 -0.81 18.49 18.10
C LYS A 369 -1.87 17.65 17.40
N PRO A 370 -3.15 17.81 17.78
CA PRO A 370 -4.23 17.04 17.16
C PRO A 370 -4.66 17.53 15.78
N ILE A 371 -3.83 17.28 14.76
CA ILE A 371 -4.15 17.68 13.39
C ILE A 371 -4.30 16.44 12.51
N TYR A 372 -4.14 15.28 13.12
CA TYR A 372 -4.22 14.00 12.42
C TYR A 372 -5.50 13.65 11.67
N GLN A 373 -6.66 14.11 12.16
CA GLN A 373 -7.90 13.78 11.46
C GLN A 373 -7.98 14.42 10.09
N LYS A 374 -7.60 15.69 10.00
CA LYS A 374 -7.63 16.39 8.72
C LYS A 374 -6.55 15.82 7.82
N THR A 375 -5.66 15.02 8.37
CA THR A 375 -4.59 14.41 7.60
C THR A 375 -5.07 13.08 7.03
N ALA A 376 -6.12 12.54 7.64
CA ALA A 376 -6.71 11.26 7.27
C ALA A 376 -7.50 11.21 5.98
N CYS A 377 -7.56 12.32 5.24
CA CYS A 377 -8.28 12.34 3.98
C CYS A 377 -7.78 13.41 3.06
N TYR A 378 -7.89 13.16 1.76
CA TYR A 378 -7.43 14.10 0.75
C TYR A 378 -5.90 14.19 0.69
N GLY A 379 -5.23 13.18 1.23
CA GLY A 379 -3.78 13.16 1.21
C GLY A 379 -3.02 13.77 2.36
N HIS A 380 -1.94 13.11 2.77
CA HIS A 380 -1.11 13.59 3.85
C HIS A 380 -0.09 14.63 3.36
N PHE A 381 0.30 14.53 2.10
CA PHE A 381 1.27 15.44 1.53
C PHE A 381 0.66 16.38 0.51
N GLY A 382 1.12 17.63 0.50
CA GLY A 382 0.60 18.60 -0.46
C GLY A 382 0.02 19.85 0.19
N ARG A 383 -0.88 19.65 1.15
CA ARG A 383 -1.52 20.77 1.85
C ARG A 383 -0.55 21.50 2.77
N SER A 384 -0.39 22.80 2.52
CA SER A 384 0.52 23.65 3.29
C SER A 384 0.20 23.86 4.76
N GLU A 385 -1.03 23.55 5.17
CA GLU A 385 -1.43 23.73 6.57
C GLU A 385 -0.76 22.78 7.54
N PHE A 386 0.01 21.82 7.03
CA PHE A 386 0.70 20.85 7.86
C PHE A 386 2.15 21.25 8.03
N PRO A 387 2.70 21.11 9.24
CA PRO A 387 4.08 21.45 9.57
C PRO A 387 5.12 20.97 8.58
N TRP A 388 5.04 19.69 8.22
CA TRP A 388 5.99 19.11 7.27
C TRP A 388 5.88 19.69 5.86
N GLU A 389 4.82 20.46 5.59
CA GLU A 389 4.64 21.06 4.26
C GLU A 389 5.18 22.49 4.17
N VAL A 390 5.74 22.97 5.28
CA VAL A 390 6.33 24.31 5.34
C VAL A 390 7.82 24.08 5.09
N PRO A 391 8.34 24.55 3.95
CA PRO A 391 9.75 24.39 3.59
C PRO A 391 10.68 25.03 4.59
N LYS A 392 11.77 24.34 4.93
CA LYS A 392 12.74 24.89 5.87
C LYS A 392 13.63 25.81 5.05
N LYS A 393 14.28 26.76 5.71
CA LYS A 393 15.14 27.73 5.03
C LYS A 393 16.22 27.13 4.14
N LEU A 394 17.06 26.28 4.72
CA LEU A 394 18.17 25.64 4.00
C LEU A 394 19.27 26.65 3.72
N VAL A 395 20.22 26.73 4.64
CA VAL A 395 21.35 27.67 4.56
C VAL A 395 22.43 27.24 3.55
N PHE A 396 22.28 26.05 2.95
CA PHE A 396 23.25 25.52 1.98
C PHE A 396 24.58 25.12 2.63
N GLY B 17 27.81 3.82 -6.28
CA GLY B 17 27.03 5.02 -5.83
C GLY B 17 26.17 4.71 -4.58
N ALA B 18 26.84 4.09 -3.62
CA ALA B 18 26.27 3.61 -2.33
C ALA B 18 24.96 4.30 -1.85
N PHE B 19 24.19 3.43 -1.21
CA PHE B 19 22.88 3.72 -0.60
C PHE B 19 22.42 2.41 0.05
N MET B 20 21.51 2.47 1.00
CA MET B 20 21.03 1.25 1.64
C MET B 20 19.53 1.12 1.48
N PHE B 21 19.02 -0.10 1.60
CA PHE B 21 17.58 -0.32 1.44
C PHE B 21 17.10 -1.40 2.39
N THR B 22 15.84 -1.28 2.78
CA THR B 22 15.21 -2.23 3.71
C THR B 22 13.87 -2.69 3.16
N SER B 23 13.55 -3.95 3.43
CA SER B 23 12.28 -4.54 3.00
C SER B 23 11.79 -5.48 4.07
N GLU B 24 10.50 -5.77 4.05
CA GLU B 24 9.94 -6.66 5.05
C GLU B 24 8.99 -7.69 4.48
N SER B 25 8.61 -8.63 5.33
CA SER B 25 7.71 -9.71 4.96
C SER B 25 7.11 -10.28 6.23
N VAL B 26 5.97 -10.94 6.08
CA VAL B 26 5.29 -11.53 7.23
C VAL B 26 4.92 -12.98 6.98
N GLY B 27 4.83 -13.74 8.06
CA GLY B 27 4.49 -15.14 7.96
C GLY B 27 3.03 -15.40 7.68
N GLU B 28 2.70 -16.67 7.45
CA GLU B 28 1.34 -17.08 7.15
C GLU B 28 0.41 -16.81 8.32
N GLY B 29 0.98 -16.60 9.50
CA GLY B 29 0.18 -16.35 10.68
C GLY B 29 -0.18 -14.90 10.93
N HIS B 30 0.45 -13.99 10.19
CA HIS B 30 0.18 -12.58 10.37
C HIS B 30 -1.29 -12.33 10.08
N PRO B 31 -2.00 -11.66 10.98
CA PRO B 31 -3.42 -11.34 10.85
C PRO B 31 -3.83 -10.93 9.45
N ASP B 32 -3.11 -9.99 8.87
CA ASP B 32 -3.41 -9.52 7.53
C ASP B 32 -3.22 -10.62 6.49
N LYS B 33 -2.15 -11.39 6.61
CA LYS B 33 -1.87 -12.47 5.67
C LYS B 33 -2.84 -13.64 5.78
N ILE B 34 -3.46 -13.78 6.95
CA ILE B 34 -4.42 -14.86 7.14
C ILE B 34 -5.65 -14.54 6.32
N CYS B 35 -6.03 -13.27 6.34
CA CYS B 35 -7.18 -12.77 5.59
C CYS B 35 -6.90 -12.84 4.09
N ASP B 36 -5.67 -12.54 3.70
CA ASP B 36 -5.30 -12.57 2.30
C ASP B 36 -5.43 -13.99 1.78
N GLN B 37 -4.99 -14.95 2.59
CA GLN B 37 -5.05 -16.36 2.24
C GLN B 37 -6.47 -16.90 2.23
N ILE B 38 -7.23 -16.61 3.28
CA ILE B 38 -8.61 -17.07 3.36
C ILE B 38 -9.40 -16.55 2.18
N SER B 39 -9.21 -15.28 1.83
CA SER B 39 -9.90 -14.65 0.72
C SER B 39 -9.56 -15.34 -0.60
N ASP B 40 -8.28 -15.67 -0.78
CA ASP B 40 -7.84 -16.35 -1.98
C ASP B 40 -8.25 -17.82 -1.95
N ALA B 41 -8.43 -18.37 -0.75
CA ALA B 41 -8.83 -19.76 -0.60
C ALA B 41 -10.25 -19.90 -1.12
N VAL B 42 -11.06 -18.88 -0.85
CA VAL B 42 -12.44 -18.86 -1.30
C VAL B 42 -12.48 -18.68 -2.80
N LEU B 43 -11.47 -17.99 -3.34
CA LEU B 43 -11.37 -17.76 -4.78
C LEU B 43 -11.02 -19.08 -5.46
N ASP B 44 -10.07 -19.82 -4.88
CA ASP B 44 -9.66 -21.11 -5.40
C ASP B 44 -10.83 -22.08 -5.37
N ALA B 45 -11.50 -22.14 -4.23
CA ALA B 45 -12.65 -23.03 -4.06
C ALA B 45 -13.75 -22.83 -5.10
N HIS B 46 -13.79 -21.65 -5.71
CA HIS B 46 -14.80 -21.36 -6.72
C HIS B 46 -14.31 -21.71 -8.12
N LEU B 47 -13.06 -21.37 -8.40
CA LEU B 47 -12.44 -21.63 -9.69
C LEU B 47 -12.42 -23.12 -10.03
N LYS B 48 -12.28 -23.96 -9.01
CA LYS B 48 -12.25 -25.40 -9.20
C LYS B 48 -13.54 -25.98 -9.76
N GLN B 49 -14.66 -25.31 -9.46
CA GLN B 49 -15.96 -25.79 -9.93
C GLN B 49 -16.60 -24.87 -10.96
N ASP B 50 -16.01 -23.69 -11.13
CA ASP B 50 -16.53 -22.71 -12.08
C ASP B 50 -15.43 -21.70 -12.36
N PRO B 51 -14.59 -21.99 -13.36
CA PRO B 51 -13.46 -21.14 -13.78
C PRO B 51 -13.87 -19.75 -14.21
N ASN B 52 -15.16 -19.50 -14.31
CA ASN B 52 -15.66 -18.20 -14.69
C ASN B 52 -16.34 -17.51 -13.52
N ALA B 53 -16.16 -18.08 -12.34
CA ALA B 53 -16.75 -17.53 -11.14
C ALA B 53 -16.25 -16.11 -10.89
N LYS B 54 -17.17 -15.19 -10.61
CA LYS B 54 -16.81 -13.82 -10.33
C LYS B 54 -16.65 -13.68 -8.82
N VAL B 55 -15.40 -13.53 -8.39
CA VAL B 55 -15.09 -13.41 -6.98
C VAL B 55 -14.58 -12.04 -6.57
N ALA B 56 -15.18 -11.51 -5.52
CA ALA B 56 -14.85 -10.22 -4.96
C ALA B 56 -15.18 -10.33 -3.48
N CYS B 57 -14.23 -10.86 -2.72
CA CYS B 57 -14.45 -11.01 -1.29
C CYS B 57 -13.23 -10.60 -0.49
N GLU B 58 -13.44 -10.37 0.80
CA GLU B 58 -12.38 -9.99 1.72
C GLU B 58 -12.67 -10.56 3.09
N THR B 59 -11.63 -10.66 3.91
CA THR B 59 -11.75 -11.24 5.25
C THR B 59 -11.22 -10.32 6.33
N VAL B 60 -11.79 -10.45 7.53
CA VAL B 60 -11.40 -9.67 8.69
C VAL B 60 -11.32 -10.67 9.84
N CYS B 61 -10.27 -10.59 10.65
CA CYS B 61 -10.13 -11.52 11.76
C CYS B 61 -9.67 -10.81 13.03
N LYS B 62 -10.03 -11.38 14.17
CA LYS B 62 -9.67 -10.81 15.46
C LYS B 62 -9.89 -11.83 16.57
N THR B 63 -8.81 -12.47 17.00
CA THR B 63 -8.83 -13.48 18.07
C THR B 63 -9.97 -14.48 18.00
N GLY B 64 -9.78 -15.56 17.24
CA GLY B 64 -10.82 -16.57 17.14
C GLY B 64 -12.15 -16.03 16.65
N MET B 65 -12.08 -15.14 15.66
CA MET B 65 -13.25 -14.54 15.06
C MET B 65 -12.88 -14.11 13.65
N VAL B 66 -13.48 -14.80 12.68
CA VAL B 66 -13.23 -14.54 11.27
C VAL B 66 -14.52 -14.12 10.58
N LEU B 67 -14.45 -12.99 9.88
CA LEU B 67 -15.60 -12.46 9.18
C LEU B 67 -15.32 -12.50 7.70
N LEU B 68 -16.16 -13.23 6.97
CA LEU B 68 -16.03 -13.36 5.53
C LEU B 68 -17.08 -12.47 4.89
N CYS B 69 -16.61 -11.45 4.16
CA CYS B 69 -17.51 -10.52 3.49
C CYS B 69 -17.27 -10.65 2.00
N GLY B 70 -18.20 -10.13 1.20
CA GLY B 70 -18.00 -10.22 -0.24
C GLY B 70 -19.21 -10.48 -1.11
N GLU B 71 -19.02 -10.20 -2.40
CA GLU B 71 -20.03 -10.39 -3.43
C GLU B 71 -19.43 -11.30 -4.48
N ILE B 72 -19.92 -12.53 -4.57
CA ILE B 72 -19.39 -13.45 -5.56
C ILE B 72 -20.47 -14.12 -6.39
N THR B 73 -20.41 -13.84 -7.69
CA THR B 73 -21.36 -14.41 -8.63
C THR B 73 -20.72 -15.66 -9.20
N SER B 74 -21.17 -16.81 -8.73
CA SER B 74 -20.64 -18.09 -9.18
C SER B 74 -21.71 -19.16 -9.21
N MET B 75 -21.35 -20.31 -9.76
CA MET B 75 -22.25 -21.45 -9.86
C MET B 75 -21.50 -22.68 -9.40
N ALA B 76 -21.17 -22.69 -8.12
CA ALA B 76 -20.46 -23.80 -7.51
C ALA B 76 -20.90 -23.88 -6.06
N MET B 77 -20.94 -25.10 -5.53
CA MET B 77 -21.37 -25.30 -4.14
C MET B 77 -20.17 -25.36 -3.23
N ILE B 78 -20.02 -24.33 -2.41
CA ILE B 78 -18.89 -24.23 -1.49
C ILE B 78 -19.30 -24.14 -0.03
N ASP B 79 -18.54 -24.85 0.80
CA ASP B 79 -18.76 -24.85 2.24
C ASP B 79 -17.75 -23.85 2.80
N TYR B 80 -18.18 -22.61 2.95
CA TYR B 80 -17.32 -21.55 3.45
C TYR B 80 -16.72 -21.85 4.83
N GLN B 81 -17.45 -22.58 5.66
CA GLN B 81 -16.95 -22.93 6.98
C GLN B 81 -15.71 -23.79 6.78
N ARG B 82 -15.83 -24.72 5.83
CA ARG B 82 -14.76 -25.65 5.52
C ARG B 82 -13.54 -24.97 4.90
N VAL B 83 -13.76 -24.08 3.94
CA VAL B 83 -12.64 -23.39 3.29
C VAL B 83 -11.93 -22.40 4.21
N VAL B 84 -12.64 -21.86 5.18
CA VAL B 84 -12.04 -20.91 6.11
C VAL B 84 -11.27 -21.65 7.18
N ARG B 85 -11.90 -22.67 7.76
CA ARG B 85 -11.27 -23.46 8.80
C ARG B 85 -10.09 -24.28 8.29
N ASP B 86 -10.20 -24.79 7.06
CA ASP B 86 -9.10 -25.55 6.48
C ASP B 86 -7.90 -24.65 6.27
N THR B 87 -8.14 -23.41 5.88
CA THR B 87 -7.07 -22.46 5.64
C THR B 87 -6.37 -22.10 6.95
N ILE B 88 -7.13 -21.97 8.02
CA ILE B 88 -6.57 -21.64 9.32
C ILE B 88 -5.75 -22.83 9.82
N LYS B 89 -6.21 -24.03 9.50
CA LYS B 89 -5.52 -25.25 9.90
C LYS B 89 -4.18 -25.32 9.17
N HIS B 90 -4.21 -25.09 7.87
CA HIS B 90 -3.01 -25.13 7.03
C HIS B 90 -1.96 -24.19 7.57
N ILE B 91 -2.40 -23.02 8.01
CA ILE B 91 -1.50 -22.03 8.55
C ILE B 91 -0.80 -22.53 9.81
N GLY B 92 -1.45 -23.44 10.53
CA GLY B 92 -0.87 -23.97 11.75
C GLY B 92 -1.60 -23.62 13.03
N TYR B 93 -2.83 -23.14 12.89
CA TYR B 93 -3.63 -22.79 14.05
C TYR B 93 -4.60 -23.91 14.39
N ASP B 94 -4.12 -24.82 15.22
CA ASP B 94 -4.91 -25.97 15.65
C ASP B 94 -5.09 -26.04 17.17
N ASP B 95 -4.18 -25.41 17.91
CA ASP B 95 -4.27 -25.40 19.35
C ASP B 95 -4.79 -24.06 19.85
N SER B 96 -5.26 -24.05 21.09
CA SER B 96 -5.83 -22.87 21.73
C SER B 96 -4.86 -21.71 21.96
N ALA B 97 -3.84 -21.94 22.79
CA ALA B 97 -2.85 -20.93 23.14
C ALA B 97 -2.17 -20.20 21.98
N LYS B 98 -2.24 -20.75 20.77
CA LYS B 98 -1.62 -20.12 19.62
C LYS B 98 -2.32 -18.84 19.14
N GLY B 99 -3.49 -18.55 19.70
CA GLY B 99 -4.23 -17.38 19.32
C GLY B 99 -5.27 -17.65 18.24
N PHE B 100 -5.45 -18.92 17.92
CA PHE B 100 -6.41 -19.33 16.90
C PHE B 100 -6.50 -20.85 16.84
N ASP B 101 -7.73 -21.37 16.73
CA ASP B 101 -7.95 -22.80 16.63
C ASP B 101 -9.08 -22.99 15.62
N PHE B 102 -8.76 -23.53 14.46
CA PHE B 102 -9.76 -23.73 13.41
C PHE B 102 -11.00 -24.49 13.84
N LYS B 103 -10.89 -25.27 14.91
CA LYS B 103 -12.02 -26.05 15.40
C LYS B 103 -12.95 -25.25 16.30
N THR B 104 -12.41 -24.20 16.92
CA THR B 104 -13.19 -23.40 17.86
C THR B 104 -13.47 -21.94 17.48
N CYS B 105 -12.69 -21.39 16.56
CA CYS B 105 -12.89 -20.00 16.18
C CYS B 105 -14.23 -19.72 15.51
N ASN B 106 -14.70 -18.50 15.68
CA ASN B 106 -15.97 -18.03 15.12
C ASN B 106 -15.81 -17.61 13.67
N VAL B 107 -16.51 -18.31 12.79
CA VAL B 107 -16.46 -17.99 11.37
C VAL B 107 -17.79 -17.41 10.94
N LEU B 108 -17.89 -16.09 10.99
CA LEU B 108 -19.11 -15.39 10.61
C LEU B 108 -19.08 -15.10 9.11
N VAL B 109 -19.93 -15.78 8.35
CA VAL B 109 -20.00 -15.60 6.91
C VAL B 109 -21.12 -14.67 6.49
N ALA B 110 -20.76 -13.48 6.02
CA ALA B 110 -21.73 -12.48 5.56
C ALA B 110 -21.61 -12.35 4.05
N LEU B 111 -21.21 -13.45 3.42
CA LEU B 111 -21.01 -13.52 1.98
C LEU B 111 -22.35 -13.63 1.22
N GLU B 112 -22.42 -12.87 0.14
CA GLU B 112 -23.59 -12.85 -0.78
C GLU B 112 -23.21 -13.59 -2.06
N GLN B 113 -23.88 -14.69 -2.38
CA GLN B 113 -23.54 -15.42 -3.60
C GLN B 113 -24.69 -15.59 -4.59
N GLN B 114 -24.54 -15.06 -5.81
CA GLN B 114 -25.57 -15.18 -6.84
C GLN B 114 -25.41 -16.51 -7.55
N SER B 115 -25.81 -16.58 -8.82
CA SER B 115 -25.72 -17.82 -9.59
C SER B 115 -25.31 -17.70 -11.07
N PRO B 116 -25.93 -16.78 -11.85
CA PRO B 116 -25.60 -16.60 -13.27
C PRO B 116 -24.55 -15.50 -13.51
N GLU B 129 -11.48 -12.63 -25.71
CA GLU B 129 -10.07 -12.25 -26.03
C GLU B 129 -9.92 -10.74 -26.09
N ASP B 130 -10.91 -10.08 -26.68
CA ASP B 130 -10.90 -8.62 -26.83
C ASP B 130 -11.95 -7.99 -25.93
N VAL B 131 -12.07 -8.52 -24.72
CA VAL B 131 -13.05 -8.06 -23.73
C VAL B 131 -13.10 -6.54 -23.53
N GLY B 132 -12.12 -6.02 -22.80
CA GLY B 132 -12.11 -4.59 -22.53
C GLY B 132 -11.84 -4.35 -21.07
N ALA B 133 -10.73 -3.68 -20.78
CA ALA B 133 -10.31 -3.38 -19.42
C ALA B 133 -11.31 -2.62 -18.56
N GLY B 134 -11.57 -3.18 -17.39
CA GLY B 134 -12.46 -2.55 -16.41
C GLY B 134 -11.67 -1.51 -15.64
N ASP B 135 -12.27 -0.36 -15.36
CA ASP B 135 -11.71 0.72 -14.57
C ASP B 135 -10.42 1.26 -15.15
N GLN B 136 -10.39 2.55 -15.51
CA GLN B 136 -9.13 3.24 -15.76
C GLN B 136 -8.06 2.68 -14.82
N GLY B 137 -6.89 2.36 -15.35
CA GLY B 137 -5.86 1.82 -14.48
C GLY B 137 -4.46 2.07 -14.97
N LEU B 138 -3.51 1.84 -14.07
CA LEU B 138 -2.09 2.02 -14.34
C LEU B 138 -1.34 0.99 -13.52
N MET B 139 -0.88 -0.09 -14.16
CA MET B 139 -0.15 -1.14 -13.49
C MET B 139 1.34 -1.01 -13.73
N PHE B 140 2.12 -1.42 -12.72
CA PHE B 140 3.57 -1.35 -12.79
C PHE B 140 4.21 -2.73 -12.80
N GLY B 141 5.40 -2.81 -13.36
CA GLY B 141 6.12 -4.06 -13.43
C GLY B 141 7.57 -3.77 -13.13
N TYR B 142 8.24 -4.67 -12.40
CA TYR B 142 9.64 -4.44 -12.06
C TYR B 142 10.47 -5.71 -12.03
N ALA B 143 11.75 -5.56 -12.36
CA ALA B 143 12.67 -6.68 -12.42
C ALA B 143 14.11 -6.18 -12.42
N THR B 144 14.98 -6.91 -11.72
CA THR B 144 16.39 -6.55 -11.64
C THR B 144 17.21 -7.84 -11.63
N ASP B 145 18.41 -7.81 -12.20
CA ASP B 145 19.25 -9.00 -12.25
C ASP B 145 20.11 -9.31 -11.02
N GLU B 146 19.86 -8.62 -9.90
CA GLU B 146 20.66 -8.85 -8.71
C GLU B 146 20.47 -10.22 -8.08
N THR B 147 19.44 -10.94 -8.51
CA THR B 147 19.14 -12.28 -8.01
C THR B 147 18.57 -13.08 -9.17
N GLU B 148 18.63 -14.41 -9.07
CA GLU B 148 18.09 -15.25 -10.15
C GLU B 148 16.58 -15.11 -10.31
N GLU B 149 15.90 -14.69 -9.25
CA GLU B 149 14.46 -14.51 -9.30
C GLU B 149 14.07 -13.24 -10.04
N CYS B 150 15.04 -12.35 -10.25
CA CYS B 150 14.81 -11.06 -10.92
C CYS B 150 14.01 -10.13 -10.02
N MET B 151 14.28 -10.24 -8.72
CA MET B 151 13.62 -9.46 -7.68
C MET B 151 14.66 -8.90 -6.72
N PRO B 152 14.36 -7.76 -6.06
CA PRO B 152 15.30 -7.13 -5.12
C PRO B 152 15.78 -8.13 -4.07
N LEU B 153 17.07 -8.12 -3.80
CA LEU B 153 17.64 -9.04 -2.83
C LEU B 153 17.00 -8.88 -1.47
N THR B 154 16.79 -7.63 -1.08
CA THR B 154 16.19 -7.30 0.20
C THR B 154 14.84 -7.97 0.45
N ILE B 155 13.96 -7.93 -0.53
CA ILE B 155 12.64 -8.54 -0.38
C ILE B 155 12.69 -10.06 -0.56
N VAL B 156 13.59 -10.53 -1.42
CA VAL B 156 13.73 -11.96 -1.67
C VAL B 156 14.15 -12.66 -0.39
N LEU B 157 15.17 -12.10 0.26
CA LEU B 157 15.69 -12.66 1.51
C LEU B 157 14.63 -12.59 2.60
N ALA B 158 13.91 -11.47 2.63
CA ALA B 158 12.85 -11.27 3.61
C ALA B 158 11.79 -12.36 3.49
N HIS B 159 11.44 -12.72 2.26
CA HIS B 159 10.45 -13.75 2.01
C HIS B 159 10.99 -15.12 2.35
N LYS B 160 12.17 -15.43 1.81
CA LYS B 160 12.81 -16.72 2.05
C LYS B 160 13.06 -16.98 3.53
N LEU B 161 13.29 -15.91 4.29
CA LEU B 161 13.54 -16.04 5.73
C LEU B 161 12.30 -16.59 6.41
N ASN B 162 11.13 -16.07 6.02
CA ASN B 162 9.87 -16.53 6.58
C ASN B 162 9.53 -17.92 6.06
N THR B 163 9.83 -18.17 4.78
CA THR B 163 9.57 -19.47 4.16
C THR B 163 10.29 -20.59 4.90
N ARG B 164 11.56 -20.37 5.18
CA ARG B 164 12.38 -21.35 5.89
C ARG B 164 11.82 -21.68 7.26
N MET B 165 11.30 -20.67 7.95
CA MET B 165 10.75 -20.88 9.28
C MET B 165 9.53 -21.78 9.26
N ALA B 166 8.75 -21.65 8.18
CA ALA B 166 7.55 -22.46 8.00
C ALA B 166 7.97 -23.90 7.73
N ASP B 167 9.07 -24.06 7.01
CA ASP B 167 9.58 -25.39 6.69
C ASP B 167 9.99 -26.09 7.97
N LEU B 168 10.85 -25.43 8.74
CA LEU B 168 11.32 -25.98 10.01
C LEU B 168 10.17 -26.23 10.97
N ARG B 169 9.10 -25.45 10.81
CA ARG B 169 7.92 -25.58 11.64
C ARG B 169 7.17 -26.85 11.25
N ARG B 170 6.90 -27.00 9.95
CA ARG B 170 6.19 -28.15 9.42
C ARG B 170 6.97 -29.46 9.34
N SER B 171 8.30 -29.35 9.32
CA SER B 171 9.14 -30.53 9.26
C SER B 171 9.24 -31.12 10.67
N GLY B 172 9.48 -30.25 11.64
CA GLY B 172 9.60 -30.68 13.02
C GLY B 172 10.92 -30.23 13.60
N VAL B 173 11.84 -29.80 12.74
CA VAL B 173 13.16 -29.35 13.16
C VAL B 173 13.12 -28.31 14.28
N LEU B 174 12.22 -27.35 14.16
CA LEU B 174 12.03 -26.31 15.17
C LEU B 174 10.55 -26.34 15.55
N PRO B 175 10.16 -27.30 16.43
CA PRO B 175 8.77 -27.47 16.89
C PRO B 175 8.22 -26.39 17.81
N TRP B 176 9.03 -25.41 18.17
CA TRP B 176 8.58 -24.32 19.05
C TRP B 176 8.08 -23.16 18.22
N LEU B 177 8.43 -23.20 16.94
CA LEU B 177 8.05 -22.18 15.98
C LEU B 177 6.54 -22.17 15.72
N ARG B 178 5.96 -20.96 15.78
CA ARG B 178 4.52 -20.77 15.53
C ARG B 178 4.29 -19.93 14.26
N PRO B 179 3.08 -20.03 13.68
CA PRO B 179 2.69 -19.36 12.42
C PRO B 179 2.99 -17.88 12.19
N ASP B 180 2.71 -17.02 13.15
CA ASP B 180 2.94 -15.59 13.01
C ASP B 180 4.41 -15.16 13.12
N SER B 181 4.86 -14.43 12.12
CA SER B 181 6.24 -13.94 12.08
C SER B 181 6.35 -12.68 11.22
N LYS B 182 7.44 -11.95 11.41
CA LYS B 182 7.73 -10.73 10.65
C LYS B 182 9.21 -10.70 10.37
N THR B 183 9.58 -10.27 9.17
CA THR B 183 10.97 -10.23 8.78
C THR B 183 11.33 -8.94 8.09
N GLN B 184 12.53 -8.45 8.36
CA GLN B 184 13.06 -7.21 7.77
C GLN B 184 14.50 -7.45 7.42
N VAL B 185 14.85 -7.11 6.19
CA VAL B 185 16.21 -7.26 5.71
C VAL B 185 16.68 -5.96 5.09
N THR B 186 17.80 -5.44 5.59
CA THR B 186 18.35 -4.21 5.05
C THR B 186 19.73 -4.51 4.48
N VAL B 187 19.88 -4.28 3.18
CA VAL B 187 21.12 -4.54 2.47
C VAL B 187 21.77 -3.26 1.94
N GLN B 188 23.10 -3.20 2.01
CA GLN B 188 23.85 -2.06 1.53
C GLN B 188 24.13 -2.26 0.06
N TYR B 189 23.80 -1.26 -0.75
CA TYR B 189 24.02 -1.34 -2.18
C TYR B 189 25.06 -0.40 -2.74
N VAL B 190 25.17 -0.42 -4.07
CA VAL B 190 26.10 0.38 -4.84
C VAL B 190 25.67 0.30 -6.30
N GLN B 191 25.49 1.44 -6.95
CA GLN B 191 25.09 1.48 -8.35
C GLN B 191 26.22 0.97 -9.25
N ASP B 192 25.97 0.91 -10.56
CA ASP B 192 26.97 0.43 -11.50
C ASP B 192 26.61 0.79 -12.92
N ASN B 193 27.06 1.98 -13.36
CA ASN B 193 26.82 2.51 -14.71
C ASN B 193 25.59 1.90 -15.35
N GLY B 194 24.53 1.88 -14.57
CA GLY B 194 23.29 1.30 -15.02
C GLY B 194 22.44 1.17 -13.75
N ALA B 195 22.72 0.16 -12.90
CA ALA B 195 21.96 0.08 -11.64
C ALA B 195 22.04 -1.22 -10.80
N VAL B 196 21.85 -0.86 -9.53
CA VAL B 196 21.68 -1.68 -8.30
C VAL B 196 22.39 -3.03 -8.23
N ILE B 197 23.46 -3.03 -7.42
CA ILE B 197 24.26 -4.22 -7.11
C ILE B 197 24.39 -4.35 -5.59
N PRO B 198 23.83 -5.41 -4.99
CA PRO B 198 23.91 -5.63 -3.54
C PRO B 198 25.33 -5.94 -3.09
N VAL B 199 25.72 -5.41 -1.95
CA VAL B 199 27.07 -5.63 -1.43
C VAL B 199 27.11 -6.55 -0.21
N ARG B 200 26.26 -6.28 0.77
CA ARG B 200 26.21 -7.10 1.98
C ARG B 200 24.95 -6.81 2.79
N VAL B 201 24.57 -7.75 3.65
CA VAL B 201 23.40 -7.59 4.50
C VAL B 201 23.82 -6.79 5.72
N HIS B 202 23.36 -5.55 5.79
CA HIS B 202 23.70 -4.67 6.90
C HIS B 202 23.12 -5.15 8.22
N THR B 203 21.83 -5.41 8.23
CA THR B 203 21.15 -5.91 9.43
C THR B 203 19.89 -6.70 9.10
N ILE B 204 19.56 -7.63 9.99
CA ILE B 204 18.40 -8.50 9.83
C ILE B 204 17.58 -8.51 11.11
N VAL B 205 16.28 -8.28 10.97
CA VAL B 205 15.37 -8.27 12.10
C VAL B 205 14.31 -9.30 11.83
N ILE B 206 14.16 -10.23 12.76
CA ILE B 206 13.17 -11.28 12.61
C ILE B 206 12.48 -11.56 13.93
N SER B 207 11.15 -11.61 13.87
CA SER B 207 10.32 -11.87 15.03
C SER B 207 9.37 -12.99 14.66
N VAL B 208 9.27 -14.00 15.53
CA VAL B 208 8.41 -15.13 15.26
C VAL B 208 7.69 -15.59 16.51
N GLN B 209 6.43 -15.98 16.35
CA GLN B 209 5.63 -16.46 17.46
C GLN B 209 6.25 -17.76 17.94
N HIS B 210 5.96 -18.17 19.18
CA HIS B 210 6.56 -19.38 19.72
C HIS B 210 5.84 -20.01 20.89
N ASN B 211 6.25 -21.24 21.20
CA ASN B 211 5.71 -22.00 22.32
C ASN B 211 6.40 -21.52 23.61
N GLU B 212 5.78 -21.80 24.76
CA GLU B 212 6.33 -21.37 26.06
C GLU B 212 7.64 -22.04 26.46
N ASP B 213 7.72 -23.36 26.27
CA ASP B 213 8.89 -24.15 26.63
C ASP B 213 10.07 -24.04 25.69
N ILE B 214 10.63 -22.83 25.60
CA ILE B 214 11.78 -22.56 24.75
C ILE B 214 12.37 -21.20 25.15
N THR B 215 13.63 -21.23 25.56
CA THR B 215 14.35 -20.04 26.00
C THR B 215 14.66 -19.06 24.86
N LEU B 216 14.69 -17.78 25.22
CA LEU B 216 14.96 -16.70 24.29
C LEU B 216 16.37 -16.87 23.71
N GLU B 217 17.28 -17.46 24.48
CA GLU B 217 18.65 -17.67 24.01
C GLU B 217 18.69 -18.78 22.95
N ALA B 218 17.88 -19.81 23.13
CA ALA B 218 17.83 -20.91 22.17
C ALA B 218 17.15 -20.51 20.88
N MET B 219 16.17 -19.61 20.99
CA MET B 219 15.44 -19.15 19.81
C MET B 219 16.35 -18.33 18.92
N ARG B 220 17.00 -17.33 19.51
CA ARG B 220 17.91 -16.45 18.78
C ARG B 220 19.07 -17.20 18.13
N GLU B 221 19.47 -18.31 18.73
CA GLU B 221 20.56 -19.12 18.22
C GLU B 221 20.09 -19.88 16.98
N ALA B 222 18.90 -20.47 17.08
CA ALA B 222 18.32 -21.23 15.98
C ALA B 222 18.00 -20.34 14.79
N LEU B 223 17.58 -19.11 15.07
CA LEU B 223 17.24 -18.14 14.02
C LEU B 223 18.47 -17.74 13.21
N LYS B 224 19.62 -17.66 13.87
CA LYS B 224 20.85 -17.27 13.21
C LYS B 224 21.49 -18.42 12.42
N GLU B 225 21.60 -19.58 13.05
CA GLU B 225 22.22 -20.72 12.41
C GLU B 225 21.31 -21.50 11.46
N GLN B 226 20.12 -21.83 11.91
CA GLN B 226 19.25 -22.69 11.12
C GLN B 226 18.35 -21.96 10.12
N VAL B 227 18.10 -20.66 10.30
CA VAL B 227 17.22 -19.97 9.32
C VAL B 227 17.99 -18.92 8.51
N ILE B 228 18.62 -17.98 9.17
CA ILE B 228 19.37 -16.91 8.49
C ILE B 228 20.53 -17.43 7.67
N LYS B 229 21.46 -18.14 8.32
CA LYS B 229 22.62 -18.68 7.63
C LYS B 229 22.30 -19.80 6.66
N ALA B 230 21.08 -20.33 6.72
CA ALA B 230 20.68 -21.41 5.82
C ALA B 230 19.97 -20.90 4.57
N VAL B 231 19.79 -19.58 4.48
CA VAL B 231 19.12 -18.98 3.34
C VAL B 231 19.91 -17.81 2.73
N VAL B 232 20.64 -17.08 3.56
CA VAL B 232 21.43 -15.94 3.09
C VAL B 232 22.79 -16.34 2.57
N PRO B 233 23.07 -16.04 1.29
CA PRO B 233 24.35 -16.36 0.64
C PRO B 233 25.54 -15.84 1.43
N ALA B 234 26.53 -16.70 1.60
CA ALA B 234 27.75 -16.38 2.35
C ALA B 234 28.33 -15.05 1.95
N LYS B 235 28.27 -14.75 0.65
CA LYS B 235 28.79 -13.51 0.11
C LYS B 235 28.25 -12.28 0.83
N TYR B 236 27.01 -12.36 1.29
CA TYR B 236 26.38 -11.22 1.96
C TYR B 236 26.50 -11.16 3.48
N LEU B 237 26.66 -12.32 4.14
CA LEU B 237 26.81 -12.31 5.58
C LEU B 237 28.18 -11.78 5.97
N ASP B 238 28.21 -10.95 7.00
CA ASP B 238 29.44 -10.31 7.47
C ASP B 238 29.74 -10.56 8.94
N GLU B 239 30.86 -10.02 9.42
CA GLU B 239 31.25 -10.13 10.83
C GLU B 239 30.62 -8.93 11.55
N ASP B 240 30.14 -7.98 10.76
CA ASP B 240 29.51 -6.77 11.28
C ASP B 240 27.99 -6.80 11.09
N THR B 241 27.51 -7.72 10.26
CA THR B 241 26.07 -7.84 10.00
C THR B 241 25.33 -7.83 11.34
N ILE B 242 24.35 -6.93 11.46
CA ILE B 242 23.59 -6.81 12.70
C ILE B 242 22.36 -7.69 12.73
N TYR B 243 22.20 -8.42 13.82
CA TYR B 243 21.07 -9.31 14.00
C TYR B 243 20.20 -8.87 15.16
N HIS B 244 18.90 -8.83 14.91
CA HIS B 244 17.90 -8.46 15.89
C HIS B 244 16.86 -9.57 15.85
N LEU B 245 17.10 -10.63 16.61
CA LEU B 245 16.21 -11.79 16.65
C LEU B 245 15.35 -11.71 17.89
N GLN B 246 14.04 -11.65 17.72
CA GLN B 246 13.10 -11.56 18.83
C GLN B 246 13.51 -10.36 19.69
N PRO B 247 13.55 -9.15 19.10
CA PRO B 247 13.93 -7.89 19.73
C PRO B 247 13.06 -7.52 20.92
N SER B 248 11.75 -7.71 20.75
CA SER B 248 10.79 -7.39 21.79
C SER B 248 10.61 -8.46 22.87
N GLY B 249 11.51 -9.43 22.91
CA GLY B 249 11.41 -10.48 23.91
C GLY B 249 10.56 -11.66 23.50
N ARG B 250 9.51 -11.93 24.27
CA ARG B 250 8.63 -13.05 23.97
C ARG B 250 7.38 -12.70 23.16
N PHE B 251 7.06 -13.60 22.24
CA PHE B 251 5.95 -13.50 21.31
C PHE B 251 5.24 -14.85 21.38
N VAL B 252 4.61 -15.15 22.52
CA VAL B 252 3.93 -16.42 22.70
C VAL B 252 2.50 -16.48 22.17
N ILE B 253 1.55 -16.06 23.00
CA ILE B 253 0.13 -16.08 22.63
C ILE B 253 -0.20 -14.94 21.68
N GLY B 254 0.80 -14.45 20.97
CA GLY B 254 0.60 -13.35 20.04
C GLY B 254 -0.11 -13.78 18.77
N GLY B 255 -0.98 -14.78 18.87
CA GLY B 255 -1.71 -15.24 17.70
C GLY B 255 -2.49 -14.11 17.04
N PRO B 256 -2.98 -14.31 15.82
CA PRO B 256 -3.74 -13.37 15.00
C PRO B 256 -4.79 -12.57 15.75
N GLN B 257 -4.33 -11.43 16.23
CA GLN B 257 -5.14 -10.36 16.84
C GLN B 257 -4.59 -9.11 16.22
N GLY B 258 -3.33 -8.79 16.55
CA GLY B 258 -2.65 -7.63 16.02
C GLY B 258 -3.63 -6.52 15.71
N ASP B 259 -4.60 -6.44 16.61
CA ASP B 259 -5.68 -5.51 16.60
C ASP B 259 -6.44 -5.54 15.28
N ALA B 260 -6.91 -6.71 14.90
CA ALA B 260 -7.71 -6.96 13.73
C ALA B 260 -6.90 -7.11 12.44
N GLY B 261 -6.90 -8.33 11.90
CA GLY B 261 -6.26 -8.60 10.61
C GLY B 261 -7.22 -8.27 9.47
N VAL B 262 -6.66 -7.85 8.34
CA VAL B 262 -7.46 -7.43 7.19
C VAL B 262 -6.85 -7.83 5.85
N THR B 263 -7.70 -7.92 4.83
CA THR B 263 -7.31 -8.27 3.48
C THR B 263 -6.90 -7.05 2.68
N GLY B 264 -5.83 -7.19 1.90
CA GLY B 264 -5.35 -6.09 1.09
C GLY B 264 -4.62 -5.00 1.83
N ARG B 265 -4.17 -5.29 3.04
CA ARG B 265 -3.46 -4.30 3.82
C ARG B 265 -1.94 -4.51 3.80
N LYS B 266 -1.49 -5.56 3.11
CA LYS B 266 -0.07 -5.86 3.01
C LYS B 266 0.36 -5.77 1.55
N ILE B 267 -0.01 -4.64 0.94
CA ILE B 267 0.25 -4.35 -0.46
C ILE B 267 1.70 -4.32 -0.95
N ILE B 268 2.60 -3.82 -0.11
CA ILE B 268 4.01 -3.73 -0.51
C ILE B 268 4.80 -5.02 -0.33
N VAL B 269 4.45 -5.83 0.65
CA VAL B 269 5.15 -7.09 0.86
C VAL B 269 4.72 -8.12 -0.16
N ASP B 270 3.59 -7.86 -0.82
CA ASP B 270 3.04 -8.76 -1.84
C ASP B 270 3.67 -8.48 -3.19
N THR B 271 4.39 -7.36 -3.28
CA THR B 271 4.99 -6.97 -4.55
C THR B 271 6.53 -6.92 -4.59
N TYR B 272 7.09 -5.72 -4.59
CA TYR B 272 8.54 -5.55 -4.67
C TYR B 272 9.26 -5.02 -3.44
N GLY B 273 8.60 -5.02 -2.28
CA GLY B 273 9.25 -4.54 -1.07
C GLY B 273 9.64 -3.07 -1.12
N GLY B 274 8.87 -2.28 -1.87
CA GLY B 274 9.12 -0.85 -1.99
C GLY B 274 10.16 -0.47 -3.02
N TRP B 275 10.36 -1.31 -4.02
CA TRP B 275 11.36 -1.02 -5.03
C TRP B 275 10.85 -0.53 -6.39
N GLY B 276 9.70 -1.04 -6.82
CA GLY B 276 9.18 -0.61 -8.09
C GLY B 276 8.34 0.63 -7.91
N ALA B 277 7.04 0.46 -8.14
CA ALA B 277 6.07 1.53 -8.03
C ALA B 277 4.75 0.80 -7.76
N HIS B 278 3.83 1.45 -7.06
CA HIS B 278 2.58 0.80 -6.76
C HIS B 278 1.42 1.77 -6.75
N GLY B 279 0.39 1.48 -7.55
CA GLY B 279 -0.77 2.35 -7.63
C GLY B 279 -1.71 2.23 -6.44
N GLY B 280 -1.58 1.15 -5.68
CA GLY B 280 -2.43 0.95 -4.52
C GLY B 280 -3.42 -0.20 -4.61
N GLY B 281 -3.47 -0.85 -5.77
CA GLY B 281 -4.39 -1.95 -5.95
C GLY B 281 -4.02 -3.23 -5.23
N ALA B 282 -4.98 -3.82 -4.53
CA ALA B 282 -4.79 -5.07 -3.79
C ALA B 282 -5.11 -6.28 -4.66
N PHE B 283 -4.44 -7.40 -4.41
CA PHE B 283 -4.64 -8.62 -5.19
C PHE B 283 -5.65 -9.59 -4.61
N SER B 284 -5.31 -10.11 -3.44
CA SER B 284 -6.12 -11.09 -2.72
C SER B 284 -7.60 -10.80 -2.63
N GLY B 285 -8.41 -11.80 -3.00
CA GLY B 285 -9.85 -11.65 -2.94
C GLY B 285 -10.50 -11.25 -4.25
N LYS B 286 -9.67 -10.89 -5.22
CA LYS B 286 -10.15 -10.47 -6.53
C LYS B 286 -9.82 -11.51 -7.59
N ASP B 287 -10.79 -11.81 -8.45
CA ASP B 287 -10.58 -12.80 -9.51
C ASP B 287 -9.73 -12.25 -10.66
N TYR B 288 -9.53 -13.08 -11.67
CA TYR B 288 -8.72 -12.73 -12.82
C TYR B 288 -9.29 -11.63 -13.74
N THR B 289 -10.54 -11.23 -13.55
CA THR B 289 -11.11 -10.19 -14.39
C THR B 289 -10.76 -8.76 -13.96
N LYS B 290 -10.22 -8.63 -12.75
CA LYS B 290 -9.81 -7.33 -12.24
C LYS B 290 -8.40 -7.03 -12.71
N VAL B 291 -8.25 -5.97 -13.50
CA VAL B 291 -6.94 -5.58 -14.02
C VAL B 291 -5.91 -5.34 -12.93
N ASP B 292 -6.36 -5.07 -11.70
CA ASP B 292 -5.43 -4.84 -10.60
C ASP B 292 -4.52 -6.03 -10.37
N ARG B 293 -5.06 -7.23 -10.60
CA ARG B 293 -4.30 -8.45 -10.40
C ARG B 293 -3.64 -8.90 -11.69
N SER B 294 -4.48 -9.28 -12.66
CA SER B 294 -4.03 -9.76 -13.96
C SER B 294 -2.96 -8.91 -14.64
N ALA B 295 -3.28 -7.64 -14.87
CA ALA B 295 -2.35 -6.72 -15.53
C ALA B 295 -1.07 -6.50 -14.76
N ALA B 296 -1.14 -6.58 -13.43
CA ALA B 296 0.04 -6.41 -12.59
C ALA B 296 0.94 -7.61 -12.83
N TYR B 297 0.33 -8.78 -12.94
CA TYR B 297 1.05 -10.02 -13.19
C TYR B 297 1.72 -9.94 -14.56
N ALA B 298 0.95 -9.49 -15.54
CA ALA B 298 1.42 -9.34 -16.91
C ALA B 298 2.62 -8.40 -16.99
N ALA B 299 2.54 -7.29 -16.27
CA ALA B 299 3.61 -6.29 -16.25
C ALA B 299 4.89 -6.86 -15.65
N ARG B 300 4.74 -7.73 -14.65
CA ARG B 300 5.89 -8.37 -14.01
C ARG B 300 6.51 -9.31 -15.02
N TRP B 301 5.63 -10.03 -15.72
CA TRP B 301 6.01 -10.99 -16.74
C TRP B 301 6.96 -10.38 -17.76
N VAL B 302 6.52 -9.30 -18.41
CA VAL B 302 7.34 -8.63 -19.40
C VAL B 302 8.62 -8.05 -18.81
N ALA B 303 8.55 -7.59 -17.56
CA ALA B 303 9.72 -7.01 -16.92
C ALA B 303 10.77 -8.10 -16.76
N LYS B 304 10.36 -9.25 -16.23
CA LYS B 304 11.25 -10.39 -16.01
C LYS B 304 11.79 -10.91 -17.34
N SER B 305 10.93 -10.94 -18.35
CA SER B 305 11.33 -11.41 -19.67
C SER B 305 12.42 -10.55 -20.27
N LEU B 306 12.27 -9.23 -20.12
CA LEU B 306 13.23 -8.27 -20.65
C LEU B 306 14.64 -8.46 -20.10
N VAL B 307 14.77 -8.50 -18.78
CA VAL B 307 16.09 -8.69 -18.17
C VAL B 307 16.65 -10.06 -18.49
N LYS B 308 15.77 -11.06 -18.48
CA LYS B 308 16.18 -12.44 -18.76
C LYS B 308 16.73 -12.54 -20.18
N ALA B 309 16.14 -11.77 -21.08
CA ALA B 309 16.56 -11.76 -22.48
C ALA B 309 17.78 -10.87 -22.71
N GLY B 310 18.42 -10.44 -21.62
CA GLY B 310 19.60 -9.59 -21.71
C GLY B 310 19.38 -8.16 -22.19
N LEU B 311 18.13 -7.82 -22.49
CA LEU B 311 17.79 -6.48 -22.97
C LEU B 311 17.95 -5.35 -21.96
N CYS B 312 18.28 -5.70 -20.72
CA CYS B 312 18.46 -4.72 -19.65
C CYS B 312 18.75 -5.40 -18.32
N ARG B 313 19.34 -4.67 -17.38
CA ARG B 313 19.66 -5.22 -16.07
C ARG B 313 18.65 -4.85 -14.99
N ARG B 314 17.78 -3.90 -15.30
CA ARG B 314 16.77 -3.41 -14.35
C ARG B 314 15.69 -2.62 -15.11
N VAL B 315 14.44 -3.04 -14.98
CA VAL B 315 13.33 -2.39 -15.68
C VAL B 315 12.11 -2.12 -14.83
N LEU B 316 11.42 -1.04 -15.19
CA LEU B 316 10.19 -0.62 -14.53
C LEU B 316 9.22 -0.40 -15.67
N VAL B 317 8.51 -1.46 -16.05
CA VAL B 317 7.54 -1.38 -17.12
C VAL B 317 6.23 -0.86 -16.56
N GLN B 318 5.67 0.14 -17.24
CA GLN B 318 4.44 0.79 -16.83
C GLN B 318 3.37 0.58 -17.88
N VAL B 319 2.30 -0.14 -17.54
CA VAL B 319 1.22 -0.38 -18.47
C VAL B 319 -0.08 0.31 -18.03
N SER B 320 -0.60 1.18 -18.88
CA SER B 320 -1.84 1.92 -18.59
C SER B 320 -3.01 1.39 -19.39
N TYR B 321 -4.19 1.39 -18.78
CA TYR B 321 -5.41 0.92 -19.44
C TYR B 321 -6.48 2.00 -19.39
N ALA B 322 -7.42 1.92 -20.33
CA ALA B 322 -8.52 2.85 -20.41
C ALA B 322 -9.82 2.07 -20.26
N ILE B 323 -10.68 2.52 -19.35
CA ILE B 323 -11.95 1.85 -19.10
C ILE B 323 -12.73 1.65 -20.40
N GLY B 324 -13.07 0.40 -20.70
CA GLY B 324 -13.79 0.09 -21.91
C GLY B 324 -12.89 -0.46 -22.99
N VAL B 325 -11.72 0.14 -23.16
CA VAL B 325 -10.75 -0.30 -24.16
C VAL B 325 -10.00 -1.55 -23.72
N ALA B 326 -9.81 -2.47 -24.67
CA ALA B 326 -9.11 -3.72 -24.42
C ALA B 326 -7.61 -3.56 -24.52
N GLU B 327 -7.15 -3.04 -25.65
CA GLU B 327 -5.73 -2.83 -25.90
C GLU B 327 -5.18 -1.77 -24.93
N PRO B 328 -4.06 -2.05 -24.26
CA PRO B 328 -3.44 -1.11 -23.32
C PRO B 328 -3.27 0.30 -23.87
N LEU B 329 -3.65 1.28 -23.06
CA LEU B 329 -3.56 2.69 -23.41
C LEU B 329 -2.20 3.29 -23.05
N SER B 330 -1.17 2.85 -23.77
CA SER B 330 0.19 3.32 -23.59
C SER B 330 0.97 2.54 -22.54
N ILE B 331 2.02 1.90 -23.01
CA ILE B 331 2.91 1.15 -22.15
C ILE B 331 4.26 1.85 -22.20
N SER B 332 4.87 2.03 -21.04
CA SER B 332 6.16 2.68 -20.93
C SER B 332 7.17 1.75 -20.29
N ILE B 333 8.36 1.69 -20.88
CA ILE B 333 9.42 0.85 -20.35
C ILE B 333 10.44 1.77 -19.71
N PHE B 334 10.78 1.51 -18.45
CA PHE B 334 11.76 2.35 -17.78
C PHE B 334 12.98 1.61 -17.27
N THR B 335 13.98 1.64 -18.14
CA THR B 335 15.29 1.12 -17.81
C THR B 335 16.02 2.27 -17.16
N TYR B 336 17.03 1.97 -16.39
CA TYR B 336 17.78 3.01 -15.72
C TYR B 336 19.14 3.14 -16.38
N GLY B 337 19.16 3.13 -17.71
CA GLY B 337 20.40 3.23 -18.45
C GLY B 337 21.16 1.93 -18.42
N THR B 338 20.43 0.84 -18.21
CA THR B 338 21.03 -0.50 -18.14
C THR B 338 20.81 -1.26 -19.46
N SER B 339 20.08 -0.65 -20.38
CA SER B 339 19.80 -1.26 -21.67
C SER B 339 20.62 -0.64 -22.79
N LYS B 340 20.99 -1.46 -23.77
CA LYS B 340 21.76 -0.98 -24.91
C LYS B 340 20.78 -0.65 -26.03
N LYS B 341 19.63 -1.34 -26.07
CA LYS B 341 18.63 -1.13 -27.12
C LYS B 341 18.01 0.25 -27.20
N THR B 342 17.66 0.84 -26.06
CA THR B 342 17.11 2.19 -25.99
C THR B 342 15.59 2.16 -25.99
N GLU B 343 14.99 2.66 -24.90
CA GLU B 343 13.55 2.81 -24.83
C GLU B 343 12.96 3.42 -26.10
N ARG B 344 12.04 2.66 -26.67
CA ARG B 344 11.39 2.90 -27.94
C ARG B 344 12.19 2.22 -29.05
N GLU B 345 12.77 1.11 -28.63
CA GLU B 345 13.33 0.02 -29.41
C GLU B 345 12.90 -1.23 -28.62
N LEU B 346 12.90 -1.07 -27.29
CA LEU B 346 12.47 -2.11 -26.36
C LEU B 346 10.96 -2.15 -26.31
N LEU B 347 10.32 -1.01 -26.59
CA LEU B 347 8.87 -0.95 -26.58
C LEU B 347 8.32 -1.75 -27.76
N GLU B 348 9.01 -1.68 -28.89
CA GLU B 348 8.58 -2.43 -30.06
C GLU B 348 8.85 -3.91 -29.81
N VAL B 349 9.88 -4.20 -29.01
CA VAL B 349 10.22 -5.58 -28.68
C VAL B 349 9.06 -6.14 -27.87
N VAL B 350 8.52 -5.31 -26.98
CA VAL B 350 7.40 -5.71 -26.14
C VAL B 350 6.12 -5.80 -26.97
N ASN B 351 5.95 -4.85 -27.88
CA ASN B 351 4.75 -4.82 -28.72
C ASN B 351 4.74 -5.94 -29.78
N LYS B 352 5.89 -6.55 -30.01
CA LYS B 352 5.98 -7.62 -30.99
C LYS B 352 6.00 -8.99 -30.32
N ASN B 353 6.22 -8.99 -29.00
CA ASN B 353 6.27 -10.23 -28.24
C ASN B 353 5.10 -10.40 -27.25
N PHE B 354 4.45 -9.28 -26.91
CA PHE B 354 3.34 -9.33 -25.96
C PHE B 354 2.02 -8.72 -26.40
N ASP B 355 0.93 -9.32 -25.94
CA ASP B 355 -0.43 -8.86 -26.20
C ASP B 355 -1.08 -8.71 -24.83
N LEU B 356 -0.80 -7.57 -24.20
CA LEU B 356 -1.30 -7.26 -22.87
C LEU B 356 -2.78 -6.96 -22.69
N ARG B 357 -3.62 -7.43 -23.60
CA ARG B 357 -5.06 -7.18 -23.45
C ARG B 357 -5.54 -8.10 -22.32
N PRO B 358 -6.45 -7.61 -21.46
CA PRO B 358 -6.97 -8.39 -20.34
C PRO B 358 -7.28 -9.85 -20.63
N GLY B 359 -8.17 -10.08 -21.59
CA GLY B 359 -8.54 -11.45 -21.94
C GLY B 359 -7.37 -12.32 -22.36
N VAL B 360 -6.45 -11.77 -23.15
CA VAL B 360 -5.30 -12.54 -23.60
C VAL B 360 -4.39 -12.87 -22.44
N ILE B 361 -4.29 -11.95 -21.49
CA ILE B 361 -3.45 -12.13 -20.32
C ILE B 361 -3.89 -13.38 -19.56
N VAL B 362 -5.18 -13.43 -19.21
CA VAL B 362 -5.72 -14.57 -18.47
C VAL B 362 -5.55 -15.89 -19.21
N ARG B 363 -5.61 -15.85 -20.54
CA ARG B 363 -5.47 -17.05 -21.34
C ARG B 363 -4.02 -17.51 -21.37
N ASP B 364 -3.13 -16.57 -21.68
CA ASP B 364 -1.70 -16.86 -21.76
C ASP B 364 -1.10 -17.23 -20.41
N LEU B 365 -1.54 -16.56 -19.35
CA LEU B 365 -1.02 -16.83 -18.02
C LEU B 365 -1.81 -17.88 -17.25
N ASP B 366 -2.85 -18.44 -17.89
CA ASP B 366 -3.66 -19.47 -17.26
C ASP B 366 -4.21 -18.97 -15.93
N LEU B 367 -4.82 -17.79 -15.94
CA LEU B 367 -5.36 -17.18 -14.74
C LEU B 367 -6.70 -17.67 -14.20
N LYS B 368 -7.22 -18.75 -14.77
CA LYS B 368 -8.48 -19.31 -14.30
C LYS B 368 -8.19 -20.49 -13.39
N LYS B 369 -6.91 -20.77 -13.22
CA LYS B 369 -6.45 -21.88 -12.40
C LYS B 369 -6.39 -21.47 -10.93
N PRO B 370 -6.77 -22.37 -10.01
CA PRO B 370 -6.74 -22.06 -8.58
C PRO B 370 -5.35 -22.12 -7.94
N ILE B 371 -4.53 -21.11 -8.21
CA ILE B 371 -3.18 -21.04 -7.64
C ILE B 371 -3.06 -19.81 -6.74
N TYR B 372 -4.15 -19.06 -6.63
CA TYR B 372 -4.19 -17.84 -5.86
C TYR B 372 -3.87 -17.92 -4.36
N GLN B 373 -4.19 -19.03 -3.70
CA GLN B 373 -3.90 -19.12 -2.27
C GLN B 373 -2.41 -19.12 -1.99
N LYS B 374 -1.65 -19.88 -2.77
CA LYS B 374 -0.21 -19.93 -2.59
C LYS B 374 0.42 -18.61 -2.99
N THR B 375 -0.38 -17.76 -3.64
CA THR B 375 0.10 -16.45 -4.08
C THR B 375 -0.14 -15.43 -2.97
N ALA B 376 -1.05 -15.77 -2.06
CA ALA B 376 -1.43 -14.93 -0.94
C ALA B 376 -0.43 -14.78 0.19
N CYS B 377 0.75 -15.38 0.06
CA CYS B 377 1.76 -15.26 1.09
C CYS B 377 3.14 -15.50 0.55
N TYR B 378 4.13 -14.84 1.18
CA TYR B 378 5.52 -14.95 0.77
C TYR B 378 5.78 -14.24 -0.56
N GLY B 379 4.89 -13.33 -0.95
CA GLY B 379 5.07 -12.59 -2.18
C GLY B 379 4.46 -13.14 -3.44
N HIS B 380 3.90 -12.26 -4.26
CA HIS B 380 3.29 -12.64 -5.53
C HIS B 380 4.34 -12.76 -6.63
N PHE B 381 5.42 -12.00 -6.50
CA PHE B 381 6.47 -12.01 -7.51
C PHE B 381 7.75 -12.64 -6.99
N GLY B 382 8.44 -13.36 -7.86
CA GLY B 382 9.68 -13.99 -7.47
C GLY B 382 9.70 -15.50 -7.66
N ARG B 383 8.68 -16.18 -7.12
CA ARG B 383 8.57 -17.63 -7.24
C ARG B 383 8.25 -18.08 -8.65
N SER B 384 9.14 -18.91 -9.21
CA SER B 384 9.00 -19.43 -10.56
C SER B 384 7.80 -20.33 -10.86
N GLU B 385 7.17 -20.85 -9.81
CA GLU B 385 6.02 -21.74 -10.01
C GLU B 385 4.77 -21.04 -10.55
N PHE B 386 4.82 -19.72 -10.67
CA PHE B 386 3.69 -18.96 -11.18
C PHE B 386 3.91 -18.62 -12.64
N PRO B 387 2.85 -18.72 -13.47
CA PRO B 387 2.90 -18.43 -14.90
C PRO B 387 3.62 -17.15 -15.28
N TRP B 388 3.28 -16.05 -14.61
CA TRP B 388 3.91 -14.77 -14.89
C TRP B 388 5.38 -14.73 -14.55
N GLU B 389 5.88 -15.74 -13.83
CA GLU B 389 7.30 -15.78 -13.46
C GLU B 389 8.16 -16.57 -14.45
N VAL B 390 7.52 -17.11 -15.48
CA VAL B 390 8.20 -17.87 -16.52
C VAL B 390 8.46 -16.87 -17.64
N PRO B 391 9.74 -16.52 -17.88
CA PRO B 391 10.14 -15.57 -18.91
C PRO B 391 9.69 -16.00 -20.30
N LYS B 392 9.17 -15.06 -21.08
CA LYS B 392 8.74 -15.38 -22.44
C LYS B 392 10.00 -15.33 -23.28
N LYS B 393 9.99 -16.00 -24.43
CA LYS B 393 11.15 -16.06 -25.31
C LYS B 393 11.74 -14.72 -25.71
N LEU B 394 10.91 -13.87 -26.31
CA LEU B 394 11.34 -12.55 -26.79
C LEU B 394 12.21 -12.68 -28.03
N VAL B 395 11.55 -12.65 -29.19
CA VAL B 395 12.22 -12.77 -30.48
C VAL B 395 12.99 -11.51 -30.92
N PHE B 396 12.90 -10.43 -30.14
CA PHE B 396 13.56 -9.16 -30.45
C PHE B 396 12.95 -8.46 -31.67
#